data_9FYN
#
_entry.id   9FYN
#
_cell.length_a   90.788
_cell.length_b   93.628
_cell.length_c   93.729
_cell.angle_alpha   90.000
_cell.angle_beta   90.000
_cell.angle_gamma   90.000
#
_symmetry.space_group_name_H-M   'P 21 21 21'
#
loop_
_entity.id
_entity.type
_entity.pdbx_description
1 polymer 'lacto-n-biosidase GH20'
2 non-polymer 'NICKEL (II) ION'
3 water water
#
_entity_poly.entity_id   1
_entity_poly.type   'polypeptide(L)'
_entity_poly.pdbx_seq_one_letter_code
;MGSSHHHHHHSSGLVPRGSHMIPALTSNFKAAEGSWTATQGITVVRPEKFAASAQLLVDELNAYTKGTAIKGATAGTGIE
IVLDENQKADLGAEGYTLTIAESGVKITAAAQRGAFWGTRTLSQMLRQNLTLPAGSVTDKPAYAERGVTLCACQINFSTE
WIDRFLNEMADLKLNSVLMEMKLKSDKFPVANTFSYYSRDDVKKFVKKAEAYGIDVIPEINSPGHMNIWLENLPDFQLKD
QSGKGNADRLDITNPEAIKFYKTLIDEYDGVFSTKYWHMGADEYMMGASYYSYPQLAKYAQQVTGKANATGADAFTYFIN
DINNYVKAKGKTLRIWNDGIVSTRAVTLDKDIVVEHWLGSGRSPNELANDGYKLVNANLNLYFARLSPYPIQKNGPAFLY
NDPSFGVDVFQGPYSRSIKVKKAENILGAKLSIWPDNGVKQTENEVEADVYEAMRYVAQITWGGGNPADNPTYADFKEKR
VDKVKRSPMWNNINRKPLEDGVYTIAQPDGKDLQLSGNASLGGNDEWTLTSTPDHYYQLKNMTSNECLSVVSGYKHLSTV
TQVGARPEARPCVDVSQTFTGNQTGNVGYEERNPQKWMLLDAGDGKFKVVNAVTLQRLAVAKGTEEHIDFTTFNGVAKDT
KPAAGEIVQFPDDMTDDVWTIKPSTRSISAIAEATPKQAYASKDGSGASTIDVTVANNSKEKVSNVVVTPPVKRGWHIDK
EPKTIAHIAPGESAKVSFQVSPEWYRGDAQFEFIVTAGDEVTKASAKVKAI
;
_entity_poly.pdbx_strand_id   A
#
loop_
_chem_comp.id
_chem_comp.type
_chem_comp.name
_chem_comp.formula
NI non-polymer 'NICKEL (II) ION' 'Ni 2'
#
# COMPACT_ATOMS: atom_id res chain seq x y z
N GLY A 13 -30.28 13.03 -0.10
CA GLY A 13 -30.18 14.15 0.82
C GLY A 13 -30.01 13.70 2.26
N LEU A 14 -30.22 14.61 3.22
CA LEU A 14 -30.13 14.27 4.63
C LEU A 14 -31.47 13.85 5.24
N VAL A 15 -32.56 14.00 4.50
CA VAL A 15 -33.86 13.43 4.90
C VAL A 15 -34.25 12.40 3.83
N PRO A 16 -34.75 11.21 4.20
CA PRO A 16 -34.81 10.60 5.54
C PRO A 16 -33.52 10.70 6.35
N ARG A 17 -33.64 10.78 7.67
CA ARG A 17 -32.51 11.11 8.52
C ARG A 17 -31.50 9.96 8.53
N GLY A 18 -30.27 10.26 8.11
CA GLY A 18 -29.18 9.32 8.25
C GLY A 18 -29.21 8.13 7.32
N SER A 19 -29.79 8.30 6.14
CA SER A 19 -29.90 7.20 5.18
C SER A 19 -28.75 7.18 4.18
N HIS A 20 -27.83 8.14 4.24
CA HIS A 20 -26.72 8.21 3.30
C HIS A 20 -25.42 8.36 4.12
N MET A 21 -25.09 7.33 4.88
CA MET A 21 -23.85 7.31 5.65
C MET A 21 -23.43 5.87 5.89
N ILE A 22 -22.13 5.69 6.12
CA ILE A 22 -21.56 4.37 6.39
C ILE A 22 -20.60 4.45 7.58
N PRO A 23 -20.82 3.64 8.63
CA PRO A 23 -21.93 2.68 8.85
C PRO A 23 -23.26 3.37 9.06
N ALA A 24 -24.38 2.72 8.74
CA ALA A 24 -25.68 3.27 9.10
C ALA A 24 -25.81 3.38 10.63
N LEU A 25 -26.67 4.29 11.07
CA LEU A 25 -26.89 4.48 12.50
C LEU A 25 -27.64 3.27 13.08
N THR A 26 -27.32 2.91 14.32
CA THR A 26 -27.89 1.73 14.96
C THR A 26 -29.17 2.01 15.71
N SER A 27 -29.62 3.26 15.76
CA SER A 27 -30.97 3.60 16.22
C SER A 27 -31.50 4.74 15.35
N ASN A 28 -32.78 5.05 15.51
CA ASN A 28 -33.40 6.05 14.65
C ASN A 28 -33.08 7.46 15.12
N PHE A 29 -32.83 8.34 14.16
CA PHE A 29 -32.58 9.75 14.44
C PHE A 29 -33.92 10.41 14.72
N LYS A 30 -34.14 10.79 15.97
CA LYS A 30 -35.38 11.45 16.36
C LYS A 30 -35.35 12.91 15.94
N ALA A 31 -36.32 13.31 15.11
CA ALA A 31 -36.32 14.65 14.53
C ALA A 31 -36.78 15.69 15.56
N ALA A 32 -36.28 16.91 15.39
CA ALA A 32 -36.67 18.04 16.22
C ALA A 32 -36.90 19.25 15.32
N GLU A 33 -37.31 20.36 15.92
CA GLU A 33 -37.68 21.55 15.16
C GLU A 33 -36.44 22.25 14.62
N GLY A 34 -36.52 22.70 13.37
CA GLY A 34 -35.53 23.57 12.80
C GLY A 34 -34.36 22.82 12.17
N SER A 35 -33.27 23.57 12.01
CA SER A 35 -32.06 23.05 11.38
C SER A 35 -30.87 23.83 11.89
N TRP A 36 -29.68 23.41 11.46
CA TRP A 36 -28.44 24.08 11.78
C TRP A 36 -27.51 23.99 10.58
N THR A 37 -26.85 25.10 10.25
CA THR A 37 -26.01 25.17 9.07
C THR A 37 -24.56 25.46 9.46
N ALA A 38 -23.64 24.64 8.98
CA ALA A 38 -22.23 24.94 9.14
C ALA A 38 -21.87 26.14 8.26
N THR A 39 -21.17 27.11 8.86
CA THR A 39 -20.66 28.25 8.13
C THR A 39 -19.22 28.49 8.60
N GLN A 40 -18.57 29.49 7.98
CA GLN A 40 -17.24 29.89 8.40
C GLN A 40 -17.24 30.68 9.71
N GLY A 41 -18.39 30.88 10.33
CA GLY A 41 -18.47 31.52 11.61
C GLY A 41 -18.44 30.58 12.80
N ILE A 42 -18.44 29.27 12.57
CA ILE A 42 -18.58 28.31 13.67
C ILE A 42 -17.21 27.93 14.21
N THR A 43 -17.24 27.33 15.41
CA THR A 43 -16.06 26.78 16.07
C THR A 43 -16.35 25.33 16.49
N VAL A 44 -15.31 24.51 16.50
CA VAL A 44 -15.39 23.18 17.09
C VAL A 44 -14.90 23.26 18.53
N VAL A 45 -15.84 23.20 19.47
CA VAL A 45 -15.55 23.37 20.89
C VAL A 45 -15.27 22.00 21.48
N ARG A 46 -14.10 21.82 22.07
CA ARG A 46 -13.69 20.53 22.60
C ARG A 46 -12.67 20.74 23.69
N PRO A 47 -12.58 19.83 24.66
CA PRO A 47 -11.52 19.94 25.68
C PRO A 47 -10.16 19.72 25.03
N GLU A 48 -9.13 20.30 25.66
CA GLU A 48 -7.81 20.28 25.03
C GLU A 48 -7.28 18.87 24.84
N LYS A 49 -7.68 17.92 25.70
CA LYS A 49 -7.22 16.55 25.53
C LYS A 49 -7.77 15.92 24.26
N PHE A 50 -8.82 16.50 23.69
CA PHE A 50 -9.40 16.00 22.43
C PHE A 50 -8.93 16.78 21.21
N ALA A 51 -7.91 17.63 21.37
CA ALA A 51 -7.53 18.52 20.27
C ALA A 51 -7.10 17.74 19.04
N ALA A 52 -6.23 16.75 19.20
CA ALA A 52 -5.70 16.01 18.07
C ALA A 52 -6.78 15.21 17.37
N SER A 53 -7.77 14.70 18.11
CA SER A 53 -8.84 13.93 17.50
C SER A 53 -9.82 14.84 16.76
N ALA A 54 -10.07 16.05 17.29
CA ALA A 54 -10.98 16.97 16.64
C ALA A 54 -10.36 17.61 15.40
N GLN A 55 -9.03 17.54 15.25
CA GLN A 55 -8.38 18.26 14.17
C GLN A 55 -8.94 17.85 12.81
N LEU A 56 -9.17 16.55 12.61
CA LEU A 56 -9.70 16.09 11.33
C LEU A 56 -11.00 16.81 10.98
N LEU A 57 -11.93 16.88 11.93
CA LEU A 57 -13.19 17.58 11.68
C LEU A 57 -12.95 19.05 11.37
N VAL A 58 -12.04 19.70 12.10
CA VAL A 58 -11.77 21.12 11.86
C VAL A 58 -11.30 21.32 10.42
N ASP A 59 -10.33 20.52 9.96
CA ASP A 59 -9.84 20.66 8.60
C ASP A 59 -10.93 20.37 7.58
N GLU A 60 -11.78 19.39 7.87
CA GLU A 60 -12.86 19.06 6.94
C GLU A 60 -13.89 20.18 6.87
N LEU A 61 -14.24 20.75 8.02
CA LEU A 61 -15.21 21.86 8.05
C LEU A 61 -14.76 23.04 7.21
N ASN A 62 -13.48 23.39 7.27
CA ASN A 62 -12.97 24.44 6.40
C ASN A 62 -13.06 24.05 4.93
N ALA A 63 -12.79 22.78 4.60
CA ALA A 63 -12.99 22.34 3.23
C ALA A 63 -14.45 22.49 2.82
N TYR A 64 -15.38 22.01 3.65
CA TYR A 64 -16.78 22.01 3.26
C TYR A 64 -17.30 23.42 3.04
N THR A 65 -16.94 24.35 3.92
CA THR A 65 -17.43 25.72 3.89
C THR A 65 -16.55 26.65 3.06
N LYS A 66 -15.50 26.13 2.43
CA LYS A 66 -14.69 26.91 1.47
C LYS A 66 -14.08 28.16 2.11
N GLY A 67 -13.43 27.95 3.25
CA GLY A 67 -12.72 28.99 3.95
C GLY A 67 -11.63 28.37 4.79
N THR A 68 -11.07 29.19 5.69
CA THR A 68 -9.98 28.70 6.53
C THR A 68 -10.02 29.18 7.98
N ALA A 69 -11.13 29.76 8.42
CA ALA A 69 -11.18 30.46 9.70
C ALA A 69 -11.66 29.58 10.85
N ILE A 70 -12.23 28.41 10.58
CA ILE A 70 -12.74 27.57 11.64
C ILE A 70 -11.59 26.96 12.41
N LYS A 71 -11.67 27.00 13.73
CA LYS A 71 -10.66 26.45 14.63
C LYS A 71 -11.30 25.53 15.65
N GLY A 72 -10.47 24.70 16.28
CA GLY A 72 -10.88 23.98 17.48
C GLY A 72 -10.42 24.74 18.70
N ALA A 73 -11.31 24.87 19.68
CA ALA A 73 -11.04 25.70 20.86
C ALA A 73 -11.79 25.12 22.05
N THR A 74 -11.41 25.56 23.25
CA THR A 74 -12.08 25.11 24.45
C THR A 74 -13.37 25.86 24.72
N ALA A 75 -13.61 26.97 24.01
CA ALA A 75 -14.84 27.73 24.14
C ALA A 75 -15.23 28.27 22.77
N GLY A 76 -16.51 28.53 22.59
CA GLY A 76 -17.02 29.04 21.34
C GLY A 76 -18.42 28.51 21.07
N THR A 77 -18.89 28.76 19.86
CA THR A 77 -20.23 28.42 19.44
C THR A 77 -20.18 27.61 18.15
N GLY A 78 -21.04 26.61 18.05
CA GLY A 78 -21.08 25.81 16.84
C GLY A 78 -21.24 24.32 17.09
N ILE A 79 -20.11 23.62 17.21
CA ILE A 79 -20.11 22.18 17.47
C ILE A 79 -19.37 21.97 18.79
N GLU A 80 -20.06 21.41 19.77
CA GLU A 80 -19.47 21.11 21.06
C GLU A 80 -19.25 19.61 21.19
N ILE A 81 -18.07 19.23 21.70
CA ILE A 81 -17.74 17.84 21.99
C ILE A 81 -17.51 17.72 23.49
N VAL A 82 -18.22 16.79 24.12
CA VAL A 82 -18.21 16.64 25.57
C VAL A 82 -17.82 15.21 25.91
N LEU A 83 -16.76 15.06 26.71
CA LEU A 83 -16.34 13.77 27.25
C LEU A 83 -16.83 13.68 28.69
N ASP A 84 -17.73 12.73 28.95
CA ASP A 84 -18.39 12.65 30.25
C ASP A 84 -18.42 11.20 30.71
N GLU A 85 -17.60 10.88 31.72
CA GLU A 85 -17.51 9.49 32.18
C GLU A 85 -18.84 8.97 32.71
N ASN A 86 -19.70 9.86 33.20
CA ASN A 86 -21.00 9.43 33.71
C ASN A 86 -21.81 8.66 32.68
N GLN A 87 -21.50 8.82 31.39
CA GLN A 87 -22.23 8.18 30.31
C GLN A 87 -21.64 6.83 29.93
N LYS A 88 -20.68 6.31 30.69
CA LYS A 88 -20.00 5.08 30.31
C LYS A 88 -20.95 3.89 30.29
N ALA A 89 -21.88 3.84 31.24
CA ALA A 89 -22.81 2.72 31.28
C ALA A 89 -23.79 2.76 30.11
N ASP A 90 -24.24 3.95 29.72
CA ASP A 90 -25.21 4.05 28.64
C ASP A 90 -24.55 3.93 27.27
N LEU A 91 -23.35 4.48 27.12
CA LEU A 91 -22.71 4.58 25.81
C LEU A 91 -21.57 3.58 25.62
N GLY A 92 -21.02 3.03 26.70
CA GLY A 92 -19.89 2.15 26.56
C GLY A 92 -18.65 2.92 26.13
N ALA A 93 -17.64 2.16 25.70
CA ALA A 93 -16.36 2.75 25.36
C ALA A 93 -16.34 3.41 23.98
N GLU A 94 -17.33 3.13 23.13
CA GLU A 94 -17.32 3.68 21.78
C GLU A 94 -18.63 4.32 21.35
N GLY A 95 -19.64 4.34 22.20
CA GLY A 95 -20.90 4.94 21.82
C GLY A 95 -20.88 6.44 21.99
N TYR A 96 -21.82 7.09 21.31
CA TYR A 96 -21.93 8.54 21.37
C TYR A 96 -23.39 8.92 21.16
N THR A 97 -23.72 10.14 21.57
CA THR A 97 -25.00 10.77 21.25
C THR A 97 -24.70 12.01 20.43
N LEU A 98 -25.38 12.13 19.29
CA LEU A 98 -25.26 13.28 18.40
C LEU A 98 -26.56 14.05 18.48
N THR A 99 -26.48 15.34 18.81
CA THR A 99 -27.65 16.18 18.97
C THR A 99 -27.49 17.43 18.13
N ILE A 100 -28.46 17.71 17.28
CA ILE A 100 -28.46 18.87 16.40
C ILE A 100 -29.65 19.75 16.78
N ALA A 101 -29.37 21.02 17.05
CA ALA A 101 -30.41 21.99 17.36
C ALA A 101 -30.06 23.31 16.69
N GLU A 102 -31.04 24.20 16.61
CA GLU A 102 -30.78 25.51 16.01
C GLU A 102 -29.58 26.18 16.67
N SER A 103 -29.40 25.96 17.97
CA SER A 103 -28.31 26.60 18.69
C SER A 103 -26.94 26.03 18.31
N GLY A 104 -26.89 24.78 17.85
CA GLY A 104 -25.63 24.17 17.46
C GLY A 104 -25.69 22.67 17.62
N VAL A 105 -24.52 22.05 17.49
CA VAL A 105 -24.37 20.60 17.51
C VAL A 105 -23.65 20.20 18.79
N LYS A 106 -24.04 19.05 19.36
CA LYS A 106 -23.45 18.54 20.58
C LYS A 106 -23.17 17.06 20.39
N ILE A 107 -21.90 16.67 20.54
CA ILE A 107 -21.49 15.28 20.55
C ILE A 107 -21.09 14.94 21.98
N THR A 108 -21.75 13.94 22.56
CA THR A 108 -21.45 13.46 23.90
C THR A 108 -21.01 12.01 23.84
N ALA A 109 -19.96 11.70 24.59
CA ALA A 109 -19.44 10.34 24.65
C ALA A 109 -18.79 10.15 26.01
N ALA A 110 -18.54 8.89 26.36
CA ALA A 110 -17.89 8.59 27.63
C ALA A 110 -16.37 8.65 27.52
N ALA A 111 -15.84 8.54 26.31
CA ALA A 111 -14.39 8.55 26.10
C ALA A 111 -14.08 9.14 24.72
N GLN A 112 -12.79 9.31 24.45
CA GLN A 112 -12.37 9.90 23.18
C GLN A 112 -12.85 9.08 22.00
N ARG A 113 -12.70 7.76 22.07
CA ARG A 113 -13.07 6.94 20.91
C ARG A 113 -14.49 7.24 20.46
N GLY A 114 -15.43 7.21 21.39
CA GLY A 114 -16.81 7.44 21.01
C GLY A 114 -17.04 8.84 20.46
N ALA A 115 -16.42 9.83 21.09
CA ALA A 115 -16.56 11.19 20.58
C ALA A 115 -16.03 11.31 19.16
N PHE A 116 -14.91 10.65 18.87
CA PHE A 116 -14.36 10.69 17.51
C PHE A 116 -15.33 10.08 16.51
N TRP A 117 -15.86 8.89 16.81
CA TRP A 117 -16.84 8.29 15.90
C TRP A 117 -18.01 9.26 15.65
N GLY A 118 -18.44 9.96 16.70
CA GLY A 118 -19.48 10.98 16.51
C GLY A 118 -19.10 12.04 15.49
N THR A 119 -17.84 12.48 15.50
CA THR A 119 -17.42 13.49 14.51
C THR A 119 -17.44 12.92 13.10
N ARG A 120 -17.21 11.61 12.95
CA ARG A 120 -17.29 10.99 11.62
C ARG A 120 -18.70 11.02 11.09
N THR A 121 -19.68 10.68 11.93
CA THR A 121 -21.08 10.78 11.56
C THR A 121 -21.43 12.20 11.14
N LEU A 122 -21.07 13.18 11.99
CA LEU A 122 -21.33 14.58 11.68
C LEU A 122 -20.64 14.98 10.38
N SER A 123 -19.38 14.59 10.23
CA SER A 123 -18.64 14.92 9.00
C SER A 123 -19.32 14.36 7.76
N GLN A 124 -19.76 13.08 7.81
CA GLN A 124 -20.39 12.51 6.62
C GLN A 124 -21.69 13.24 6.29
N MET A 125 -22.42 13.69 7.30
CA MET A 125 -23.63 14.46 7.05
C MET A 125 -23.31 15.78 6.38
N LEU A 126 -22.33 16.52 6.91
CA LEU A 126 -21.96 17.81 6.35
C LEU A 126 -21.28 17.66 5.01
N ARG A 127 -20.67 16.51 4.76
CA ARG A 127 -20.09 16.23 3.45
C ARG A 127 -21.13 16.29 2.35
N GLN A 128 -22.40 16.04 2.68
CA GLN A 128 -23.48 16.03 1.70
C GLN A 128 -24.33 17.30 1.71
N ASN A 129 -24.52 17.91 2.86
CA ASN A 129 -25.31 19.14 2.92
C ASN A 129 -24.86 19.94 4.13
N LEU A 130 -24.64 21.25 3.93
CA LEU A 130 -24.20 22.09 5.03
C LEU A 130 -25.30 22.32 6.05
N THR A 131 -26.55 22.21 5.65
CA THR A 131 -27.69 22.39 6.56
C THR A 131 -28.14 21.02 7.08
N LEU A 132 -28.17 20.86 8.40
CA LEU A 132 -28.56 19.59 9.00
C LEU A 132 -29.92 19.70 9.68
N PRO A 133 -30.78 18.70 9.55
CA PRO A 133 -32.04 18.72 10.31
C PRO A 133 -31.75 18.56 11.79
N ALA A 134 -32.56 19.25 12.61
CA ALA A 134 -32.44 19.13 14.05
C ALA A 134 -32.95 17.77 14.52
N GLY A 135 -32.33 17.24 15.56
CA GLY A 135 -32.69 15.95 16.10
C GLY A 135 -31.54 15.37 16.88
N SER A 136 -31.74 14.14 17.34
CA SER A 136 -30.71 13.46 18.12
C SER A 136 -30.73 11.97 17.81
N VAL A 137 -29.57 11.35 17.98
CA VAL A 137 -29.42 9.91 17.80
C VAL A 137 -28.31 9.43 18.73
N THR A 138 -28.49 8.24 19.30
CA THR A 138 -27.46 7.53 20.03
C THR A 138 -27.01 6.34 19.18
N ASP A 139 -25.70 6.14 19.07
CA ASP A 139 -25.12 5.16 18.13
C ASP A 139 -24.02 4.42 18.86
N LYS A 140 -24.02 3.09 18.75
CA LYS A 140 -23.07 2.23 19.46
C LYS A 140 -22.71 1.04 18.57
N PRO A 141 -21.48 0.55 18.68
CA PRO A 141 -21.05 -0.55 17.79
C PRO A 141 -21.49 -1.92 18.29
N ALA A 142 -21.77 -2.79 17.33
CA ALA A 142 -22.13 -4.17 17.65
C ALA A 142 -20.92 -4.99 18.07
N TYR A 143 -19.75 -4.72 17.49
CA TYR A 143 -18.53 -5.47 17.80
C TYR A 143 -17.39 -4.52 18.13
N ALA A 144 -16.47 -5.00 18.98
CA ALA A 144 -15.41 -4.16 19.54
C ALA A 144 -14.19 -4.04 18.64
N GLU A 145 -13.97 -4.99 17.74
CA GLU A 145 -12.83 -4.95 16.83
C GLU A 145 -13.38 -4.98 15.41
N ARG A 146 -13.19 -3.89 14.68
CA ARG A 146 -13.70 -3.70 13.32
C ARG A 146 -12.46 -3.45 12.49
N GLY A 147 -11.98 -4.48 11.76
CA GLY A 147 -10.57 -4.63 11.54
C GLY A 147 -10.14 -4.86 10.09
N VAL A 148 -8.85 -4.75 9.92
CA VAL A 148 -8.15 -5.01 8.66
C VAL A 148 -6.84 -5.68 9.01
N THR A 149 -6.47 -6.71 8.25
CA THR A 149 -5.11 -7.22 8.25
C THR A 149 -4.38 -6.62 7.06
N LEU A 150 -3.32 -5.86 7.33
CA LEU A 150 -2.50 -5.24 6.28
C LEU A 150 -1.13 -5.91 6.35
N CYS A 151 -0.81 -6.73 5.34
CA CYS A 151 0.48 -7.40 5.26
C CYS A 151 1.43 -6.46 4.53
N ALA A 152 2.06 -5.56 5.30
CA ALA A 152 3.14 -4.70 4.79
C ALA A 152 4.44 -5.49 4.85
N CYS A 153 4.44 -6.63 4.17
CA CYS A 153 5.36 -7.73 4.41
C CYS A 153 6.19 -8.03 3.17
N GLN A 154 7.52 -8.13 3.35
CA GLN A 154 8.44 -8.41 2.26
C GLN A 154 8.48 -7.26 1.28
N ILE A 155 7.32 -6.92 0.69
CA ILE A 155 7.16 -5.69 -0.08
C ILE A 155 6.76 -4.58 0.88
N ASN A 156 6.76 -3.35 0.39
CA ASN A 156 6.59 -2.17 1.22
C ASN A 156 5.33 -1.40 0.83
N PHE A 157 4.71 -0.76 1.82
CA PHE A 157 3.69 0.24 1.60
C PHE A 157 4.27 1.60 1.98
N SER A 158 4.17 2.58 1.07
CA SER A 158 4.70 3.90 1.36
C SER A 158 3.99 4.50 2.58
N THR A 159 4.73 5.31 3.35
CA THR A 159 4.13 5.93 4.53
C THR A 159 2.93 6.78 4.14
N GLU A 160 2.96 7.37 2.95
CA GLU A 160 1.80 8.15 2.50
C GLU A 160 0.58 7.27 2.30
N TRP A 161 0.78 6.06 1.77
CA TRP A 161 -0.32 5.11 1.62
C TRP A 161 -0.90 4.73 2.97
N ILE A 162 -0.03 4.43 3.94
CA ILE A 162 -0.50 4.07 5.28
C ILE A 162 -1.26 5.24 5.89
N ASP A 163 -0.73 6.45 5.74
CA ASP A 163 -1.39 7.63 6.29
C ASP A 163 -2.80 7.76 5.73
N ARG A 164 -2.95 7.60 4.41
CA ARG A 164 -4.28 7.64 3.80
C ARG A 164 -5.16 6.52 4.34
N PHE A 165 -4.59 5.33 4.51
CA PHE A 165 -5.38 4.17 4.92
C PHE A 165 -5.97 4.37 6.29
N LEU A 166 -5.22 4.98 7.21
CA LEU A 166 -5.76 5.27 8.54
C LEU A 166 -6.95 6.22 8.45
N ASN A 167 -6.91 7.18 7.51
CA ASN A 167 -8.06 8.05 7.29
C ASN A 167 -9.23 7.27 6.71
N GLU A 168 -8.97 6.40 5.76
CA GLU A 168 -10.03 5.53 5.22
C GLU A 168 -10.71 4.75 6.35
N MET A 169 -9.92 4.11 7.22
CA MET A 169 -10.52 3.38 8.33
C MET A 169 -11.28 4.29 9.26
N ALA A 170 -10.67 5.43 9.63
CA ALA A 170 -11.25 6.29 10.65
C ALA A 170 -12.64 6.76 10.25
N ASP A 171 -12.82 7.16 8.99
CA ASP A 171 -14.10 7.74 8.58
C ASP A 171 -15.20 6.69 8.55
N LEU A 172 -14.82 5.42 8.43
CA LEU A 172 -15.76 4.31 8.42
C LEU A 172 -15.94 3.67 9.79
N LYS A 173 -15.29 4.23 10.80
CA LYS A 173 -15.33 3.75 12.19
C LYS A 173 -14.65 2.39 12.35
N LEU A 174 -13.77 2.01 11.41
CA LEU A 174 -12.92 0.85 11.62
C LEU A 174 -11.81 1.23 12.59
N ASN A 175 -11.50 0.33 13.53
CA ASN A 175 -10.72 0.73 14.70
C ASN A 175 -9.59 -0.22 15.05
N SER A 176 -9.26 -1.17 14.17
CA SER A 176 -8.24 -2.16 14.47
C SER A 176 -7.54 -2.57 13.17
N VAL A 177 -6.21 -2.50 13.16
CA VAL A 177 -5.46 -2.94 12.00
C VAL A 177 -4.28 -3.77 12.47
N LEU A 178 -4.19 -5.01 11.99
CA LEU A 178 -3.03 -5.87 12.23
C LEU A 178 -2.05 -5.63 11.09
N MET A 179 -0.84 -5.19 11.44
CA MET A 179 0.15 -4.82 10.44
C MET A 179 1.35 -5.74 10.57
N GLU A 180 1.40 -6.78 9.72
CA GLU A 180 2.59 -7.60 9.59
C GLU A 180 3.65 -6.80 8.84
N MET A 181 4.75 -6.45 9.51
CA MET A 181 5.72 -5.54 8.92
C MET A 181 7.06 -5.74 9.60
N LYS A 182 8.11 -5.17 8.98
CA LYS A 182 9.44 -5.15 9.56
C LYS A 182 9.75 -3.75 10.06
N LEU A 183 10.10 -3.64 11.33
CA LEU A 183 10.63 -2.41 11.91
C LEU A 183 12.15 -2.53 11.91
N LYS A 184 12.83 -1.56 11.29
CA LYS A 184 14.29 -1.61 11.21
C LYS A 184 14.88 -1.81 12.60
N SER A 185 15.65 -2.88 12.75
CA SER A 185 16.15 -3.30 14.05
C SER A 185 17.43 -2.55 14.40
N ASP A 186 17.50 -2.05 15.63
CA ASP A 186 18.72 -1.42 16.11
C ASP A 186 19.78 -2.45 16.47
N LYS A 187 19.37 -3.62 16.98
CA LYS A 187 20.32 -4.60 17.48
C LYS A 187 20.75 -5.63 16.45
N PHE A 188 20.00 -5.78 15.35
CA PHE A 188 20.29 -6.79 14.33
C PHE A 188 20.26 -6.16 12.95
N PRO A 189 21.20 -5.26 12.66
CA PRO A 189 21.21 -4.61 11.34
C PRO A 189 21.41 -5.59 10.18
N VAL A 190 21.96 -6.78 10.45
CA VAL A 190 22.18 -7.75 9.38
C VAL A 190 20.87 -8.37 8.91
N ALA A 191 19.80 -8.26 9.69
CA ALA A 191 18.48 -8.74 9.30
C ALA A 191 17.59 -7.64 8.76
N ASN A 192 18.14 -6.44 8.55
CA ASN A 192 17.35 -5.30 8.07
C ASN A 192 17.14 -5.33 6.56
N THR A 193 16.83 -6.49 5.99
CA THR A 193 16.44 -6.55 4.59
C THR A 193 15.18 -5.72 4.36
N PHE A 194 15.18 -4.93 3.29
CA PHE A 194 13.96 -4.25 2.86
C PHE A 194 12.95 -5.28 2.38
N SER A 195 11.67 -5.05 2.63
CA SER A 195 11.05 -3.88 3.23
C SER A 195 11.25 -3.73 4.72
N TYR A 196 11.49 -2.49 5.15
CA TYR A 196 11.49 -2.15 6.57
C TYR A 196 10.93 -0.75 6.74
N TYR A 197 10.63 -0.40 7.98
CA TYR A 197 10.06 0.89 8.33
C TYR A 197 10.92 1.55 9.39
N SER A 198 11.18 2.84 9.20
CA SER A 198 11.96 3.60 10.17
C SER A 198 11.20 3.68 11.49
N ARG A 199 11.96 3.78 12.59
CA ARG A 199 11.31 3.92 13.90
C ARG A 199 10.53 5.23 13.98
N ASP A 200 11.11 6.32 13.47
CA ASP A 200 10.41 7.59 13.46
C ASP A 200 9.16 7.53 12.58
N ASP A 201 9.25 6.81 11.46
CA ASP A 201 8.10 6.72 10.55
C ASP A 201 6.94 5.99 11.22
N VAL A 202 7.23 4.88 11.92
CA VAL A 202 6.15 4.15 12.58
C VAL A 202 5.57 4.98 13.73
N LYS A 203 6.44 5.58 14.54
CA LYS A 203 5.95 6.46 15.59
C LYS A 203 4.96 7.47 15.03
N LYS A 204 5.26 8.03 13.85
CA LYS A 204 4.39 9.04 13.27
C LYS A 204 3.00 8.47 12.99
N PHE A 205 2.90 7.43 12.14
CA PHE A 205 1.56 6.97 11.79
C PHE A 205 0.88 6.28 12.98
N VAL A 206 1.63 5.82 13.97
CA VAL A 206 0.99 5.33 15.19
C VAL A 206 0.38 6.49 15.97
N LYS A 207 1.03 7.66 15.95
CA LYS A 207 0.46 8.83 16.62
C LYS A 207 -0.85 9.25 15.96
N LYS A 208 -0.90 9.21 14.63
CA LYS A 208 -2.15 9.52 13.94
C LYS A 208 -3.23 8.52 14.30
N ALA A 209 -2.88 7.22 14.31
CA ALA A 209 -3.84 6.20 14.70
C ALA A 209 -4.40 6.45 16.10
N GLU A 210 -3.53 6.82 17.04
CA GLU A 210 -3.99 7.08 18.39
C GLU A 210 -5.06 8.17 18.42
N ALA A 211 -4.88 9.22 17.62
CA ALA A 211 -5.85 10.31 17.58
C ALA A 211 -7.18 9.84 17.01
N TYR A 212 -7.15 8.93 16.04
CA TYR A 212 -8.34 8.44 15.39
C TYR A 212 -8.94 7.22 16.10
N GLY A 213 -8.36 6.79 17.21
CA GLY A 213 -8.89 5.69 17.97
C GLY A 213 -8.63 4.33 17.36
N ILE A 214 -7.64 4.20 16.49
CA ILE A 214 -7.34 2.95 15.81
C ILE A 214 -6.23 2.22 16.56
N ASP A 215 -6.48 0.96 16.88
CA ASP A 215 -5.50 0.09 17.53
C ASP A 215 -4.60 -0.52 16.44
N VAL A 216 -3.35 -0.10 16.41
CA VAL A 216 -2.39 -0.63 15.43
C VAL A 216 -1.63 -1.75 16.12
N ILE A 217 -1.82 -2.98 15.64
CA ILE A 217 -1.24 -4.18 16.24
C ILE A 217 -0.11 -4.67 15.33
N PRO A 218 1.12 -4.79 15.82
CA PRO A 218 2.18 -5.37 15.00
C PRO A 218 2.13 -6.89 15.03
N GLU A 219 2.61 -7.50 13.95
CA GLU A 219 2.80 -8.93 13.89
C GLU A 219 4.19 -9.25 13.35
N ILE A 220 4.94 -10.05 14.08
CA ILE A 220 6.09 -10.77 13.55
C ILE A 220 5.70 -12.25 13.56
N ASN A 221 5.30 -12.75 12.40
CA ASN A 221 4.90 -14.15 12.30
C ASN A 221 6.05 -15.06 12.69
N SER A 222 5.77 -16.00 13.59
CA SER A 222 6.79 -16.91 14.12
C SER A 222 6.09 -18.15 14.65
N PRO A 223 6.82 -19.25 14.82
CA PRO A 223 8.23 -19.47 14.47
C PRO A 223 8.43 -19.89 13.02
N GLY A 224 7.37 -19.84 12.20
CA GLY A 224 7.47 -20.02 10.77
C GLY A 224 7.26 -18.70 10.04
N HIS A 225 7.36 -18.79 8.72
CA HIS A 225 7.21 -17.61 7.86
C HIS A 225 8.18 -16.51 8.24
N MET A 226 9.41 -16.88 8.60
CA MET A 226 10.40 -15.92 9.08
C MET A 226 11.51 -15.66 8.07
N ASN A 227 11.30 -16.02 6.80
CA ASN A 227 12.32 -15.79 5.79
C ASN A 227 12.87 -14.37 5.86
N ILE A 228 11.99 -13.40 6.10
CA ILE A 228 12.39 -12.00 6.07
C ILE A 228 13.29 -11.64 7.23
N TRP A 229 13.31 -12.45 8.28
CA TRP A 229 14.14 -12.18 9.45
C TRP A 229 15.37 -13.07 9.54
N LEU A 230 15.32 -14.28 8.98
CA LEU A 230 16.38 -15.26 9.17
C LEU A 230 17.23 -15.50 7.94
N GLU A 231 16.94 -14.81 6.83
CA GLU A 231 17.70 -15.04 5.60
C GLU A 231 19.21 -14.97 5.86
N ASN A 232 19.64 -13.96 6.61
CA ASN A 232 21.06 -13.73 6.85
C ASN A 232 21.53 -14.26 8.20
N LEU A 233 20.69 -15.02 8.91
CA LEU A 233 21.00 -15.52 10.25
C LEU A 233 20.88 -17.04 10.25
N PRO A 234 21.84 -17.75 9.66
CA PRO A 234 21.71 -19.20 9.55
C PRO A 234 21.70 -19.93 10.89
N ASP A 235 22.36 -19.37 11.91
CA ASP A 235 22.48 -20.07 13.18
C ASP A 235 21.15 -20.14 13.94
N PHE A 236 20.21 -19.25 13.66
CA PHE A 236 18.90 -19.33 14.27
C PHE A 236 17.88 -20.10 13.43
N GLN A 237 18.30 -20.68 12.31
CA GLN A 237 17.40 -21.45 11.46
C GLN A 237 17.31 -22.89 11.94
N LEU A 238 16.10 -23.43 11.93
CA LEU A 238 15.90 -24.85 12.21
C LEU A 238 16.57 -25.67 11.11
N LYS A 239 17.27 -26.74 11.52
CA LYS A 239 18.15 -27.48 10.63
C LYS A 239 17.61 -28.88 10.35
N ASP A 240 17.80 -29.34 9.12
CA ASP A 240 17.48 -30.70 8.73
C ASP A 240 18.31 -31.69 9.56
N GLN A 241 18.02 -32.98 9.37
CA GLN A 241 18.90 -34.01 9.92
C GLN A 241 20.25 -34.01 9.21
N SER A 242 20.29 -33.52 7.97
CA SER A 242 21.53 -33.29 7.25
C SER A 242 22.21 -31.98 7.65
N GLY A 243 21.65 -31.26 8.62
CA GLY A 243 22.18 -29.97 8.99
C GLY A 243 21.80 -28.84 8.07
N LYS A 244 20.85 -29.05 7.16
CA LYS A 244 20.44 -28.02 6.22
C LYS A 244 19.38 -27.13 6.86
N GLY A 245 19.63 -25.83 6.87
CA GLY A 245 18.70 -24.87 7.45
C GLY A 245 17.63 -24.43 6.46
N ASN A 246 16.83 -23.47 6.90
CA ASN A 246 15.76 -22.91 6.09
C ASN A 246 15.29 -21.61 6.74
N ALA A 247 15.49 -20.48 6.06
CA ALA A 247 15.17 -19.18 6.64
C ALA A 247 13.71 -19.05 7.05
N ASP A 248 12.86 -20.00 6.67
CA ASP A 248 11.45 -19.90 6.98
C ASP A 248 11.16 -20.19 8.45
N ARG A 249 11.99 -21.02 9.09
CA ARG A 249 11.70 -21.53 10.42
C ARG A 249 12.81 -21.17 11.39
N LEU A 250 12.43 -20.55 12.51
CA LEU A 250 13.36 -20.26 13.59
C LEU A 250 13.54 -21.51 14.46
N ASP A 251 14.77 -21.78 14.84
CA ASP A 251 15.07 -22.90 15.73
C ASP A 251 14.59 -22.53 17.13
N ILE A 252 13.42 -23.05 17.53
CA ILE A 252 12.85 -22.69 18.82
C ILE A 252 13.52 -23.41 19.98
N THR A 253 14.44 -24.34 19.69
CA THR A 253 15.23 -24.99 20.74
C THR A 253 16.54 -24.27 21.01
N ASN A 254 16.90 -23.28 20.19
CA ASN A 254 18.15 -22.55 20.34
C ASN A 254 17.92 -21.35 21.25
N PRO A 255 18.66 -21.23 22.36
CA PRO A 255 18.36 -20.12 23.29
C PRO A 255 18.65 -18.75 22.70
N GLU A 256 19.67 -18.62 21.85
CA GLU A 256 19.97 -17.32 21.26
C GLU A 256 18.93 -16.93 20.22
N ALA A 257 18.26 -17.91 19.61
CA ALA A 257 17.19 -17.59 18.66
C ALA A 257 15.94 -17.10 19.36
N ILE A 258 15.59 -17.70 20.49
CA ILE A 258 14.50 -17.17 21.30
C ILE A 258 14.82 -15.76 21.79
N LYS A 259 16.06 -15.54 22.24
CA LYS A 259 16.48 -14.20 22.63
C LYS A 259 16.35 -13.24 21.45
N PHE A 260 16.71 -13.68 20.25
CA PHE A 260 16.62 -12.82 19.07
C PHE A 260 15.18 -12.37 18.83
N TYR A 261 14.23 -13.30 18.93
CA TYR A 261 12.83 -12.92 18.73
C TYR A 261 12.37 -11.96 19.83
N LYS A 262 12.59 -12.33 21.09
CA LYS A 262 12.14 -11.49 22.19
C LYS A 262 12.76 -10.09 22.11
N THR A 263 13.96 -9.99 21.54
CA THR A 263 14.56 -8.67 21.34
C THR A 263 13.75 -7.84 20.35
N LEU A 264 13.24 -8.47 19.29
CA LEU A 264 12.39 -7.75 18.35
C LEU A 264 11.13 -7.26 19.02
N ILE A 265 10.54 -8.10 19.89
CA ILE A 265 9.37 -7.66 20.66
C ILE A 265 9.71 -6.37 21.42
N ASP A 266 10.87 -6.37 22.09
CA ASP A 266 11.28 -5.19 22.84
C ASP A 266 11.39 -3.96 21.94
N GLU A 267 12.00 -4.12 20.77
CA GLU A 267 12.21 -2.99 19.87
C GLU A 267 10.89 -2.42 19.40
N TYR A 268 9.92 -3.30 19.09
CA TYR A 268 8.62 -2.82 18.64
C TYR A 268 7.89 -2.06 19.74
N ASP A 269 8.07 -2.49 20.99
CA ASP A 269 7.30 -1.88 22.08
C ASP A 269 7.54 -0.37 22.16
N GLY A 270 8.69 0.09 21.72
CA GLY A 270 9.02 1.49 21.78
C GLY A 270 8.39 2.35 20.72
N VAL A 271 7.66 1.77 19.76
CA VAL A 271 7.07 2.54 18.68
C VAL A 271 5.58 2.25 18.58
N PHE A 272 5.18 1.01 18.90
CA PHE A 272 3.78 0.64 18.94
C PHE A 272 3.26 0.82 20.35
N SER A 273 2.08 1.41 20.48
CA SER A 273 1.47 1.68 21.76
C SER A 273 0.37 0.70 22.14
N THR A 274 0.03 -0.23 21.25
CA THR A 274 -1.03 -1.19 21.53
C THR A 274 -0.67 -2.09 22.71
N LYS A 275 -1.72 -2.63 23.35
CA LYS A 275 -1.54 -3.63 24.40
C LYS A 275 -1.40 -5.05 23.85
N TYR A 276 -1.48 -5.23 22.54
CA TYR A 276 -1.47 -6.55 21.93
C TYR A 276 -0.15 -6.82 21.23
N TRP A 277 0.26 -8.08 21.23
CA TRP A 277 1.32 -8.58 20.36
C TRP A 277 0.80 -9.79 19.61
N HIS A 278 1.03 -9.82 18.29
CA HIS A 278 0.64 -10.94 17.43
C HIS A 278 1.90 -11.68 16.99
N MET A 279 2.10 -12.89 17.51
CA MET A 279 3.26 -13.70 17.11
C MET A 279 2.97 -14.58 15.91
N GLY A 280 1.80 -14.46 15.30
CA GLY A 280 1.43 -15.29 14.17
C GLY A 280 1.09 -16.71 14.59
N ALA A 281 2.13 -17.53 14.76
CA ALA A 281 1.95 -18.94 15.10
C ALA A 281 1.14 -19.68 14.03
N ASP A 282 1.29 -19.28 12.76
CA ASP A 282 0.87 -20.17 11.68
C ASP A 282 1.61 -21.49 11.85
N GLU A 283 0.99 -22.58 11.38
CA GLU A 283 1.53 -23.91 11.63
C GLU A 283 3.03 -23.96 11.36
N TYR A 284 3.77 -24.46 12.37
CA TYR A 284 5.24 -24.38 12.35
C TYR A 284 5.82 -25.09 11.14
N MET A 285 5.39 -26.33 10.88
CA MET A 285 6.02 -27.14 9.86
C MET A 285 5.75 -26.61 8.44
N MET A 286 4.77 -25.73 8.28
CA MET A 286 4.41 -25.17 6.96
C MET A 286 4.20 -26.29 5.94
N GLY A 287 3.62 -27.41 6.40
CA GLY A 287 3.32 -28.53 5.55
C GLY A 287 4.32 -29.67 5.62
N ALA A 288 5.44 -29.49 6.31
CA ALA A 288 6.43 -30.54 6.45
C ALA A 288 6.05 -31.45 7.61
N SER A 289 7.01 -32.19 8.16
CA SER A 289 6.75 -33.13 9.24
C SER A 289 7.79 -32.96 10.34
N TYR A 290 7.32 -33.01 11.59
CA TYR A 290 8.21 -32.86 12.73
C TYR A 290 9.30 -33.92 12.78
N TYR A 291 9.07 -35.09 12.18
CA TYR A 291 10.06 -36.16 12.23
C TYR A 291 11.32 -35.80 11.48
N SER A 292 11.26 -34.85 10.53
CA SER A 292 12.46 -34.35 9.87
C SER A 292 13.28 -33.42 10.76
N TYR A 293 12.77 -33.06 11.92
CA TYR A 293 13.46 -32.18 12.87
C TYR A 293 13.35 -32.79 14.27
N PRO A 294 14.01 -33.93 14.48
CA PRO A 294 13.85 -34.62 15.77
C PRO A 294 14.28 -33.80 16.98
N GLN A 295 15.11 -32.78 16.79
CA GLN A 295 15.55 -31.97 17.92
C GLN A 295 14.40 -31.19 18.55
N LEU A 296 13.26 -31.12 17.90
CA LEU A 296 12.09 -30.46 18.49
C LEU A 296 11.44 -31.37 19.54
N ALA A 297 11.21 -32.64 19.19
CA ALA A 297 10.65 -33.58 20.16
C ALA A 297 11.55 -33.73 21.38
N LYS A 298 12.87 -33.77 21.16
CA LYS A 298 13.79 -33.89 22.28
C LYS A 298 13.79 -32.64 23.14
N TYR A 299 13.74 -31.46 22.52
CA TYR A 299 13.65 -30.22 23.29
C TYR A 299 12.39 -30.20 24.13
N ALA A 300 11.27 -30.65 23.58
CA ALA A 300 10.00 -30.65 24.32
C ALA A 300 10.11 -31.51 25.58
N GLN A 301 10.46 -32.79 25.41
CA GLN A 301 10.52 -33.68 26.56
C GLN A 301 11.51 -33.19 27.61
N GLN A 302 12.45 -32.31 27.26
CA GLN A 302 13.37 -31.76 28.23
C GLN A 302 12.70 -30.67 29.07
N VAL A 303 12.03 -29.73 28.42
CA VAL A 303 11.42 -28.62 29.15
C VAL A 303 10.19 -29.05 29.95
N THR A 304 9.57 -30.17 29.57
CA THR A 304 8.41 -30.68 30.28
C THR A 304 8.75 -31.74 31.33
N GLY A 305 9.84 -32.48 31.13
CA GLY A 305 10.12 -33.63 31.96
C GLY A 305 9.33 -34.87 31.58
N LYS A 306 8.67 -34.87 30.44
CA LYS A 306 7.82 -35.97 30.00
C LYS A 306 8.45 -36.64 28.78
N ALA A 307 8.66 -37.95 28.86
CA ALA A 307 9.36 -38.66 27.80
C ALA A 307 8.57 -38.67 26.50
N ASN A 308 7.24 -38.59 26.56
CA ASN A 308 6.39 -38.71 25.40
C ASN A 308 6.04 -37.36 24.77
N ALA A 309 6.84 -36.32 25.03
CA ALA A 309 6.59 -35.02 24.42
C ALA A 309 6.92 -35.06 22.93
N THR A 310 6.15 -34.30 22.15
CA THR A 310 6.19 -34.34 20.70
C THR A 310 6.80 -33.06 20.14
N GLY A 311 6.95 -33.02 18.82
CA GLY A 311 7.37 -31.79 18.17
C GLY A 311 6.33 -30.70 18.28
N ALA A 312 5.06 -31.04 18.06
CA ALA A 312 3.99 -30.07 18.27
C ALA A 312 4.00 -29.51 19.67
N ASP A 313 4.43 -30.30 20.65
CA ASP A 313 4.52 -29.82 22.03
C ASP A 313 5.53 -28.68 22.13
N ALA A 314 6.69 -28.83 21.48
CA ALA A 314 7.68 -27.76 21.47
C ALA A 314 7.10 -26.50 20.84
N PHE A 315 6.37 -26.66 19.73
CA PHE A 315 5.70 -25.53 19.09
C PHE A 315 4.81 -24.80 20.09
N THR A 316 3.96 -25.55 20.81
CA THR A 316 3.06 -24.92 21.77
C THR A 316 3.84 -24.35 22.96
N TYR A 317 4.86 -25.06 23.43
CA TYR A 317 5.69 -24.51 24.50
C TYR A 317 6.24 -23.14 24.09
N PHE A 318 6.62 -23.00 22.83
CA PHE A 318 7.10 -21.71 22.33
C PHE A 318 6.01 -20.66 22.41
N ILE A 319 4.78 -21.01 22.00
CA ILE A 319 3.68 -20.06 22.09
C ILE A 319 3.49 -19.61 23.52
N ASN A 320 3.56 -20.55 24.48
CA ASN A 320 3.31 -20.21 25.87
C ASN A 320 4.44 -19.34 26.44
N ASP A 321 5.68 -19.66 26.09
CA ASP A 321 6.80 -18.83 26.54
C ASP A 321 6.64 -17.39 26.07
N ILE A 322 6.28 -17.19 24.81
CA ILE A 322 6.06 -15.85 24.30
C ILE A 322 4.84 -15.23 24.98
N ASN A 323 3.84 -16.06 25.32
CA ASN A 323 2.70 -15.55 26.07
C ASN A 323 3.14 -14.98 27.41
N ASN A 324 3.94 -15.75 28.17
CA ASN A 324 4.44 -15.25 29.44
C ASN A 324 5.30 -14.00 29.25
N TYR A 325 6.09 -13.98 28.18
CA TYR A 325 7.02 -12.87 27.97
C TYR A 325 6.26 -11.56 27.71
N VAL A 326 5.24 -11.60 26.84
CA VAL A 326 4.50 -10.38 26.55
C VAL A 326 3.55 -10.03 27.70
N LYS A 327 3.05 -11.04 28.41
CA LYS A 327 2.18 -10.77 29.55
C LYS A 327 2.95 -10.03 30.65
N ALA A 328 4.22 -10.38 30.84
CA ALA A 328 5.05 -9.65 31.79
C ALA A 328 5.18 -8.18 31.44
N LYS A 329 4.93 -7.81 30.18
CA LYS A 329 4.89 -6.42 29.76
C LYS A 329 3.48 -5.83 29.83
N GLY A 330 2.55 -6.52 30.47
CA GLY A 330 1.18 -6.05 30.49
C GLY A 330 0.47 -6.15 29.16
N LYS A 331 0.98 -6.97 28.25
CA LYS A 331 0.40 -7.14 26.92
C LYS A 331 -0.37 -8.46 26.84
N THR A 332 -1.18 -8.58 25.79
CA THR A 332 -1.98 -9.77 25.54
C THR A 332 -1.60 -10.35 24.19
N LEU A 333 -1.48 -11.67 24.13
CA LEU A 333 -0.98 -12.35 22.95
C LEU A 333 -2.12 -12.68 21.99
N ARG A 334 -1.78 -12.72 20.70
CA ARG A 334 -2.70 -13.08 19.62
C ARG A 334 -2.02 -14.08 18.70
N ILE A 335 -2.80 -15.06 18.21
CA ILE A 335 -2.29 -16.08 17.30
C ILE A 335 -3.35 -16.40 16.24
N TRP A 336 -2.88 -16.94 15.11
CA TRP A 336 -3.78 -17.50 14.11
C TRP A 336 -4.25 -18.87 14.57
N ASN A 337 -5.47 -19.23 14.19
CA ASN A 337 -6.07 -20.45 14.73
C ASN A 337 -5.35 -21.71 14.26
N ASP A 338 -4.69 -21.67 13.09
CA ASP A 338 -3.96 -22.85 12.63
C ASP A 338 -2.71 -23.11 13.48
N GLY A 339 -2.43 -22.26 14.46
CA GLY A 339 -1.42 -22.54 15.46
C GLY A 339 -1.92 -23.34 16.64
N ILE A 340 -3.20 -23.69 16.65
CA ILE A 340 -3.80 -24.48 17.71
C ILE A 340 -3.79 -25.93 17.23
N VAL A 341 -2.79 -26.69 17.66
CA VAL A 341 -2.55 -28.02 17.14
C VAL A 341 -2.74 -29.04 18.27
N SER A 342 -2.80 -30.31 17.89
CA SER A 342 -2.97 -31.38 18.87
C SER A 342 -1.67 -31.61 19.63
N THR A 343 -1.78 -31.74 20.94
CA THR A 343 -0.60 -31.78 21.81
C THR A 343 -0.66 -33.03 22.69
N ARG A 344 0.38 -33.20 23.50
CA ARG A 344 0.46 -34.32 24.44
C ARG A 344 0.88 -33.81 25.82
N ALA A 345 2.13 -33.38 25.96
CA ALA A 345 2.69 -32.99 27.25
C ALA A 345 2.69 -31.47 27.45
N VAL A 346 2.10 -30.71 26.54
CA VAL A 346 2.01 -29.25 26.68
C VAL A 346 0.62 -28.83 26.22
N THR A 347 -0.04 -28.00 27.01
CA THR A 347 -1.37 -27.52 26.69
C THR A 347 -1.31 -26.02 26.40
N LEU A 348 -2.05 -25.59 25.39
CA LEU A 348 -2.05 -24.19 24.98
C LEU A 348 -2.73 -23.33 26.05
N ASP A 349 -2.07 -22.23 26.42
CA ASP A 349 -2.65 -21.29 27.37
C ASP A 349 -4.02 -20.84 26.86
N LYS A 350 -4.89 -20.48 27.81
CA LYS A 350 -6.26 -20.10 27.49
C LYS A 350 -6.49 -18.60 27.39
N ASP A 351 -5.51 -17.78 27.76
CA ASP A 351 -5.64 -16.33 27.74
C ASP A 351 -5.01 -15.71 26.51
N ILE A 352 -5.20 -16.32 25.34
CA ILE A 352 -4.66 -15.84 24.08
C ILE A 352 -5.84 -15.57 23.14
N VAL A 353 -5.77 -14.45 22.43
CA VAL A 353 -6.78 -14.13 21.41
C VAL A 353 -6.51 -14.98 20.18
N VAL A 354 -7.57 -15.57 19.62
CA VAL A 354 -7.47 -16.45 18.47
C VAL A 354 -8.11 -15.75 17.29
N GLU A 355 -7.33 -15.50 16.24
CA GLU A 355 -7.83 -14.89 15.01
C GLU A 355 -8.08 -16.02 14.03
N HIS A 356 -9.34 -16.28 13.73
CA HIS A 356 -9.73 -17.51 13.04
C HIS A 356 -9.90 -17.24 11.55
N TRP A 357 -9.20 -18.05 10.73
CA TRP A 357 -9.28 -17.97 9.26
C TRP A 357 -9.37 -19.32 8.56
N LEU A 358 -8.83 -20.39 9.13
CA LEU A 358 -8.71 -21.67 8.44
C LEU A 358 -9.79 -22.62 8.93
N GLY A 359 -10.55 -23.18 7.99
CA GLY A 359 -11.57 -24.15 8.30
C GLY A 359 -11.00 -25.53 8.59
N SER A 360 -10.19 -25.61 9.64
CA SER A 360 -9.55 -26.87 10.02
C SER A 360 -9.21 -26.81 11.49
N GLY A 361 -9.03 -27.98 12.09
CA GLY A 361 -8.69 -28.05 13.49
C GLY A 361 -9.89 -27.72 14.37
N ARG A 362 -9.58 -27.32 15.60
CA ARG A 362 -10.61 -27.11 16.61
C ARG A 362 -11.62 -26.08 16.11
N SER A 363 -12.90 -26.43 16.21
CA SER A 363 -13.94 -25.57 15.68
C SER A 363 -13.97 -24.25 16.44
N PRO A 364 -14.32 -23.15 15.77
CA PRO A 364 -14.39 -21.86 16.48
C PRO A 364 -15.47 -21.82 17.54
N ASN A 365 -16.59 -22.53 17.33
CA ASN A 365 -17.63 -22.55 18.34
C ASN A 365 -17.16 -23.23 19.61
N GLU A 366 -16.40 -24.32 19.48
CA GLU A 366 -15.86 -24.98 20.68
C GLU A 366 -14.75 -24.15 21.31
N LEU A 367 -13.99 -23.42 20.50
CA LEU A 367 -12.98 -22.50 21.05
C LEU A 367 -13.64 -21.41 21.88
N ALA A 368 -14.70 -20.79 21.34
CA ALA A 368 -15.41 -19.76 22.10
C ALA A 368 -16.02 -20.34 23.37
N ASN A 369 -16.68 -21.49 23.26
CA ASN A 369 -17.25 -22.14 24.45
C ASN A 369 -16.17 -22.42 25.49
N ASP A 370 -14.93 -22.63 25.06
CA ASP A 370 -13.82 -22.93 25.95
C ASP A 370 -13.16 -21.66 26.50
N GLY A 371 -13.71 -20.49 26.20
CA GLY A 371 -13.27 -19.24 26.81
C GLY A 371 -12.41 -18.35 25.95
N TYR A 372 -12.14 -18.76 24.71
CA TYR A 372 -11.27 -17.96 23.86
C TYR A 372 -12.03 -16.80 23.24
N LYS A 373 -11.32 -15.69 23.04
CA LYS A 373 -11.85 -14.54 22.32
C LYS A 373 -11.43 -14.65 20.87
N LEU A 374 -12.39 -14.44 19.96
CA LEU A 374 -12.22 -14.76 18.56
C LEU A 374 -12.40 -13.53 17.67
N VAL A 375 -11.54 -13.43 16.66
CA VAL A 375 -11.74 -12.52 15.53
C VAL A 375 -12.06 -13.37 14.31
N ASN A 376 -13.09 -12.99 13.57
CA ASN A 376 -13.46 -13.66 12.32
C ASN A 376 -12.62 -13.07 11.20
N ALA A 377 -11.45 -13.67 10.97
CA ALA A 377 -10.54 -13.21 9.92
C ALA A 377 -10.90 -13.95 8.62
N ASN A 378 -12.08 -13.62 8.11
CA ASN A 378 -12.79 -14.53 7.22
C ASN A 378 -12.15 -14.64 5.86
N LEU A 379 -12.03 -15.88 5.36
CA LEU A 379 -11.43 -16.09 4.05
C LEU A 379 -12.23 -15.45 2.94
N ASN A 380 -13.54 -15.25 3.15
CA ASN A 380 -14.33 -14.57 2.12
C ASN A 380 -13.96 -13.11 1.96
N LEU A 381 -13.25 -12.53 2.93
CA LEU A 381 -12.86 -11.12 2.89
C LEU A 381 -11.38 -10.94 2.55
N TYR A 382 -10.77 -11.95 1.95
CA TYR A 382 -9.37 -11.91 1.55
C TYR A 382 -9.17 -11.15 0.25
N PHE A 383 -8.06 -10.43 0.16
CA PHE A 383 -7.61 -9.73 -1.04
C PHE A 383 -6.18 -10.16 -1.35
N ALA A 384 -5.89 -10.37 -2.63
CA ALA A 384 -4.53 -10.66 -3.06
C ALA A 384 -4.27 -10.00 -4.40
N ARG A 385 -3.01 -9.58 -4.60
CA ARG A 385 -2.63 -9.04 -5.91
C ARG A 385 -2.45 -10.14 -6.95
N LEU A 386 -2.04 -11.34 -6.53
CA LEU A 386 -1.69 -12.40 -7.48
C LEU A 386 -2.93 -13.12 -8.02
N SER A 387 -3.68 -13.78 -7.14
CA SER A 387 -4.87 -14.54 -7.55
C SER A 387 -6.11 -13.95 -6.89
N PRO A 388 -6.87 -13.10 -7.58
CA PRO A 388 -8.00 -12.42 -6.92
C PRO A 388 -8.99 -13.40 -6.32
N TYR A 389 -9.47 -13.08 -5.13
CA TYR A 389 -10.49 -13.87 -4.45
C TYR A 389 -11.87 -13.52 -4.99
N PRO A 390 -12.89 -14.32 -4.66
CA PRO A 390 -14.23 -14.02 -5.19
C PRO A 390 -14.75 -12.63 -4.83
N ILE A 391 -14.44 -12.12 -3.63
CA ILE A 391 -14.91 -10.78 -3.28
C ILE A 391 -14.26 -9.74 -4.18
N GLN A 392 -13.06 -10.02 -4.68
CA GLN A 392 -12.46 -9.13 -5.66
C GLN A 392 -13.09 -9.30 -7.02
N LYS A 393 -13.36 -10.55 -7.41
CA LYS A 393 -13.92 -10.80 -8.74
C LYS A 393 -15.34 -10.28 -8.85
N ASN A 394 -16.12 -10.42 -7.78
CA ASN A 394 -17.57 -10.25 -7.86
C ASN A 394 -18.13 -9.19 -6.94
N GLY A 395 -17.33 -8.62 -6.05
CA GLY A 395 -17.84 -7.65 -5.10
C GLY A 395 -18.52 -8.33 -3.93
N PRO A 396 -18.92 -7.52 -2.93
CA PRO A 396 -19.44 -8.10 -1.68
C PRO A 396 -20.88 -8.60 -1.76
N ALA A 397 -21.57 -8.40 -2.88
CA ALA A 397 -23.00 -8.72 -2.94
C ALA A 397 -23.28 -10.16 -2.51
N PHE A 398 -22.44 -11.12 -2.92
CA PHE A 398 -22.71 -12.52 -2.58
C PHE A 398 -22.66 -12.77 -1.07
N LEU A 399 -22.05 -11.86 -0.30
CA LEU A 399 -22.06 -11.96 1.15
C LEU A 399 -23.18 -11.13 1.76
N TYR A 400 -23.29 -9.86 1.34
CA TYR A 400 -24.33 -8.96 1.84
C TYR A 400 -25.70 -9.58 1.67
N ASN A 401 -25.95 -10.17 0.50
CA ASN A 401 -27.26 -10.70 0.15
C ASN A 401 -27.51 -12.09 0.72
N ASP A 402 -26.54 -12.69 1.39
CA ASP A 402 -26.64 -14.01 2.00
C ASP A 402 -27.02 -13.88 3.47
N PRO A 403 -28.30 -14.09 3.81
CA PRO A 403 -28.71 -13.96 5.22
C PRO A 403 -28.03 -14.95 6.15
N SER A 404 -27.41 -16.01 5.62
CA SER A 404 -26.67 -16.96 6.45
C SER A 404 -25.22 -16.54 6.67
N PHE A 405 -24.83 -15.34 6.24
CA PHE A 405 -23.49 -14.85 6.48
C PHE A 405 -23.55 -13.66 7.44
N GLY A 406 -22.53 -13.55 8.27
CA GLY A 406 -22.45 -12.44 9.22
C GLY A 406 -21.18 -12.57 10.02
N VAL A 407 -20.95 -11.56 10.87
CA VAL A 407 -19.73 -11.51 11.67
C VAL A 407 -19.58 -12.75 12.53
N ASP A 408 -20.69 -13.32 12.98
CA ASP A 408 -20.65 -14.49 13.86
C ASP A 408 -20.62 -15.82 13.09
N VAL A 409 -20.46 -15.79 11.77
CA VAL A 409 -20.41 -17.01 10.97
C VAL A 409 -18.97 -17.23 10.56
N PHE A 410 -18.35 -18.28 11.11
CA PHE A 410 -16.97 -18.62 10.82
C PHE A 410 -16.92 -19.76 9.81
N GLN A 411 -15.74 -19.95 9.21
CA GLN A 411 -15.57 -21.00 8.22
C GLN A 411 -15.25 -22.33 8.88
N GLY A 412 -15.80 -23.39 8.31
CA GLY A 412 -15.58 -24.73 8.81
C GLY A 412 -15.04 -25.65 7.75
N PRO A 413 -14.67 -26.87 8.13
CA PRO A 413 -14.12 -27.81 7.15
C PRO A 413 -15.13 -28.13 6.06
N TYR A 414 -14.60 -28.50 4.89
CA TYR A 414 -15.40 -29.00 3.77
C TYR A 414 -16.49 -28.01 3.37
N SER A 415 -16.16 -26.73 3.40
CA SER A 415 -17.00 -25.64 2.93
C SER A 415 -18.22 -25.41 3.83
N ARG A 416 -18.23 -25.94 5.04
CA ARG A 416 -19.33 -25.74 5.96
C ARG A 416 -19.14 -24.42 6.70
N SER A 417 -20.25 -23.83 7.13
CA SER A 417 -20.25 -22.62 7.94
C SER A 417 -20.53 -22.99 9.40
N ILE A 418 -19.88 -22.29 10.32
CA ILE A 418 -20.02 -22.56 11.75
C ILE A 418 -20.36 -21.25 12.44
N LYS A 419 -21.54 -21.19 13.05
CA LYS A 419 -21.98 -20.01 13.79
C LYS A 419 -21.49 -20.12 15.23
N VAL A 420 -20.75 -19.12 15.69
CA VAL A 420 -20.30 -19.09 17.08
C VAL A 420 -21.43 -18.57 17.95
N LYS A 421 -21.90 -19.41 18.87
CA LYS A 421 -23.10 -19.08 19.64
C LYS A 421 -22.80 -18.20 20.86
N LYS A 422 -21.62 -18.35 21.47
CA LYS A 422 -21.21 -17.53 22.61
C LYS A 422 -20.73 -16.19 22.07
N ALA A 423 -21.71 -15.35 21.72
CA ALA A 423 -21.42 -14.14 20.95
C ALA A 423 -20.53 -13.17 21.72
N GLU A 424 -20.56 -13.23 23.05
CA GLU A 424 -19.75 -12.30 23.83
C GLU A 424 -18.26 -12.53 23.66
N ASN A 425 -17.87 -13.68 23.12
CA ASN A 425 -16.46 -14.01 22.90
C ASN A 425 -16.02 -13.72 21.48
N ILE A 426 -16.84 -13.02 20.69
CA ILE A 426 -16.50 -12.63 19.34
C ILE A 426 -16.09 -11.16 19.39
N LEU A 427 -14.80 -10.88 19.16
CA LEU A 427 -14.33 -9.51 19.19
C LEU A 427 -14.78 -8.74 17.97
N GLY A 428 -14.88 -9.41 16.82
CA GLY A 428 -15.33 -8.77 15.59
C GLY A 428 -14.83 -9.55 14.38
N ALA A 429 -14.67 -8.82 13.27
CA ALA A 429 -14.24 -9.40 12.01
C ALA A 429 -13.38 -8.40 11.27
N LYS A 430 -12.63 -8.91 10.29
CA LYS A 430 -11.76 -8.05 9.51
C LYS A 430 -11.55 -8.61 8.11
N LEU A 431 -11.24 -7.71 7.18
CA LEU A 431 -10.79 -8.10 5.85
C LEU A 431 -9.26 -8.18 5.86
N SER A 432 -8.72 -8.83 4.84
CA SER A 432 -7.29 -9.12 4.78
C SER A 432 -6.71 -8.67 3.44
N ILE A 433 -5.53 -8.04 3.49
CA ILE A 433 -4.89 -7.45 2.33
C ILE A 433 -3.52 -8.10 2.21
N TRP A 434 -3.39 -9.05 1.27
CA TRP A 434 -2.17 -9.82 1.05
C TRP A 434 -1.51 -9.43 -0.26
N PRO A 435 -0.17 -9.43 -0.34
CA PRO A 435 0.48 -9.11 -1.61
C PRO A 435 0.63 -10.31 -2.54
N ASP A 436 1.37 -11.33 -2.10
CA ASP A 436 1.60 -12.56 -2.88
C ASP A 436 2.45 -12.35 -4.12
N ASN A 437 2.22 -11.25 -4.83
CA ASN A 437 3.10 -10.82 -5.91
C ASN A 437 3.16 -9.30 -5.88
N GLY A 438 4.32 -8.74 -5.57
CA GLY A 438 4.44 -7.32 -5.35
C GLY A 438 4.44 -6.45 -6.58
N VAL A 439 4.58 -7.03 -7.78
CA VAL A 439 4.60 -6.26 -9.01
C VAL A 439 3.33 -6.43 -9.83
N LYS A 440 2.46 -7.38 -9.49
CA LYS A 440 1.25 -7.58 -10.28
C LYS A 440 0.28 -6.41 -10.11
N GLN A 441 0.27 -5.79 -8.92
CA GLN A 441 -0.51 -4.60 -8.67
C GLN A 441 0.37 -3.59 -7.94
N THR A 442 0.04 -2.30 -8.11
CA THR A 442 0.64 -1.24 -7.33
C THR A 442 -0.18 -1.01 -6.06
N GLU A 443 0.43 -0.35 -5.08
CA GLU A 443 -0.30 -0.06 -3.85
C GLU A 443 -1.47 0.87 -4.12
N ASN A 444 -1.34 1.77 -5.11
CA ASN A 444 -2.46 2.64 -5.43
C ASN A 444 -3.60 1.86 -6.04
N GLU A 445 -3.31 0.74 -6.70
CA GLU A 445 -4.38 -0.14 -7.17
C GLU A 445 -5.07 -0.83 -6.01
N VAL A 446 -4.31 -1.26 -5.00
CA VAL A 446 -4.89 -1.93 -3.85
C VAL A 446 -5.85 -1.01 -3.12
N GLU A 447 -5.45 0.25 -2.91
CA GLU A 447 -6.31 1.19 -2.18
C GLU A 447 -7.64 1.38 -2.89
N ALA A 448 -7.64 1.28 -4.21
CA ALA A 448 -8.89 1.31 -4.96
C ALA A 448 -9.59 -0.05 -4.91
N ASP A 449 -8.83 -1.14 -4.96
CA ASP A 449 -9.40 -2.48 -5.01
C ASP A 449 -10.29 -2.75 -3.79
N VAL A 450 -9.83 -2.33 -2.60
CA VAL A 450 -10.52 -2.67 -1.36
C VAL A 450 -11.67 -1.73 -1.04
N TYR A 451 -11.97 -0.77 -1.92
CA TYR A 451 -12.92 0.28 -1.58
C TYR A 451 -14.26 -0.29 -1.10
N GLU A 452 -14.85 -1.19 -1.88
CA GLU A 452 -16.18 -1.66 -1.50
C GLU A 452 -16.14 -2.51 -0.25
N ALA A 453 -15.11 -3.35 -0.11
CA ALA A 453 -15.07 -4.26 1.03
C ALA A 453 -14.83 -3.52 2.33
N MET A 454 -14.06 -2.42 2.30
CA MET A 454 -13.90 -1.66 3.54
C MET A 454 -15.26 -1.17 4.04
N ARG A 455 -16.11 -0.69 3.14
CA ARG A 455 -17.40 -0.17 3.57
C ARG A 455 -18.30 -1.29 4.05
N TYR A 456 -18.32 -2.41 3.35
CA TYR A 456 -19.15 -3.53 3.75
C TYR A 456 -18.77 -4.05 5.13
N VAL A 457 -17.46 -4.24 5.37
CA VAL A 457 -17.02 -4.75 6.66
C VAL A 457 -17.30 -3.71 7.74
N ALA A 458 -17.06 -2.43 7.44
CA ALA A 458 -17.38 -1.38 8.40
C ALA A 458 -18.85 -1.43 8.79
N GLN A 459 -19.72 -1.66 7.80
CA GLN A 459 -21.15 -1.70 8.08
C GLN A 459 -21.52 -2.88 8.98
N ILE A 460 -21.09 -4.10 8.61
CA ILE A 460 -21.57 -5.24 9.38
C ILE A 460 -20.93 -5.34 10.74
N THR A 461 -19.73 -4.79 10.94
CA THR A 461 -19.10 -4.84 12.26
C THR A 461 -19.61 -3.74 13.19
N TRP A 462 -19.92 -2.56 12.68
CA TRP A 462 -20.51 -1.54 13.54
C TRP A 462 -21.98 -1.80 13.78
N GLY A 463 -22.74 -2.04 12.70
CA GLY A 463 -24.17 -2.24 12.85
C GLY A 463 -24.57 -3.63 13.27
N GLY A 464 -23.67 -4.61 13.12
CA GLY A 464 -24.02 -5.99 13.37
C GLY A 464 -24.76 -6.66 12.24
N GLY A 465 -24.91 -5.99 11.10
CA GLY A 465 -25.66 -6.53 9.99
C GLY A 465 -25.86 -5.43 8.96
N ASN A 466 -26.77 -5.66 8.03
CA ASN A 466 -27.02 -4.69 6.98
C ASN A 466 -27.99 -3.63 7.48
N PRO A 467 -27.95 -2.45 6.89
CA PRO A 467 -28.92 -1.40 7.27
C PRO A 467 -30.33 -1.87 6.96
N ALA A 468 -31.26 -1.54 7.85
CA ALA A 468 -32.62 -2.04 7.70
C ALA A 468 -33.30 -1.52 6.44
N ASP A 469 -32.86 -0.39 5.90
CA ASP A 469 -33.53 0.21 4.75
C ASP A 469 -32.86 -0.12 3.43
N ASN A 470 -31.84 -1.00 3.43
CA ASN A 470 -31.16 -1.43 2.21
C ASN A 470 -31.30 -2.95 2.08
N PRO A 471 -32.42 -3.44 1.56
CA PRO A 471 -32.60 -4.91 1.50
C PRO A 471 -31.51 -5.64 0.75
N THR A 472 -31.04 -5.10 -0.38
CA THR A 472 -30.05 -5.76 -1.21
C THR A 472 -28.78 -4.95 -1.27
N TYR A 473 -27.69 -5.61 -1.72
CA TYR A 473 -26.43 -4.90 -1.87
C TYR A 473 -26.55 -3.76 -2.86
N ALA A 474 -27.32 -3.97 -3.94
CA ALA A 474 -27.53 -2.89 -4.91
C ALA A 474 -28.09 -1.64 -4.23
N ASP A 475 -29.04 -1.80 -3.31
CA ASP A 475 -29.56 -0.65 -2.58
C ASP A 475 -28.47 -0.02 -1.71
N PHE A 476 -27.77 -0.84 -0.93
CA PHE A 476 -26.66 -0.34 -0.11
C PHE A 476 -25.67 0.44 -0.97
N LYS A 477 -25.33 -0.10 -2.15
CA LYS A 477 -24.36 0.55 -3.01
C LYS A 477 -24.90 1.85 -3.60
N GLU A 478 -26.14 1.84 -4.07
CA GLU A 478 -26.71 3.02 -4.70
C GLU A 478 -26.95 4.12 -3.68
N LYS A 479 -27.48 3.77 -2.51
CA LYS A 479 -27.91 4.78 -1.56
C LYS A 479 -26.81 5.20 -0.59
N ARG A 480 -25.75 4.40 -0.44
CA ARG A 480 -24.73 4.73 0.55
C ARG A 480 -23.35 4.78 -0.07
N VAL A 481 -22.89 3.66 -0.64
CA VAL A 481 -21.52 3.58 -1.13
C VAL A 481 -21.27 4.63 -2.20
N ASP A 482 -22.22 4.79 -3.13
CA ASP A 482 -22.03 5.74 -4.21
C ASP A 482 -22.29 7.19 -3.77
N LYS A 483 -22.86 7.42 -2.59
CA LYS A 483 -23.22 8.77 -2.16
C LYS A 483 -22.26 9.34 -1.13
N VAL A 484 -21.54 8.50 -0.39
CA VAL A 484 -20.65 8.94 0.69
C VAL A 484 -19.25 9.02 0.09
N LYS A 485 -18.80 10.24 -0.20
CA LYS A 485 -17.43 10.43 -0.61
C LYS A 485 -16.49 10.23 0.58
N ARG A 486 -15.22 9.98 0.28
CA ARG A 486 -14.21 9.90 1.31
C ARG A 486 -14.07 11.27 1.99
N SER A 487 -13.46 11.26 3.17
CA SER A 487 -13.10 12.52 3.81
C SER A 487 -12.28 13.37 2.83
N PRO A 488 -12.51 14.68 2.77
CA PRO A 488 -11.68 15.52 1.89
C PRO A 488 -10.24 15.58 2.31
N MET A 489 -9.91 15.11 3.52
CA MET A 489 -8.53 15.04 3.99
C MET A 489 -7.89 13.68 3.72
N TRP A 490 -8.61 12.75 3.09
CA TRP A 490 -8.05 11.44 2.77
C TRP A 490 -6.81 11.58 1.91
N ASN A 491 -6.94 12.23 0.75
CA ASN A 491 -5.79 12.39 -0.14
C ASN A 491 -4.76 13.32 0.50
N ASN A 492 -3.48 12.96 0.37
CA ASN A 492 -2.41 13.63 1.10
C ASN A 492 -1.21 13.94 0.22
N ILE A 493 -1.36 13.88 -1.11
CA ILE A 493 -0.26 14.08 -2.03
C ILE A 493 -0.80 14.65 -3.33
N ASN A 494 0.04 15.39 -4.03
CA ASN A 494 -0.23 15.79 -5.41
C ASN A 494 0.02 14.57 -6.29
N ARG A 495 -1.06 13.98 -6.81
CA ARG A 495 -0.93 12.72 -7.55
C ARG A 495 -0.35 12.91 -8.94
N LYS A 496 -0.31 14.15 -9.45
CA LYS A 496 0.23 14.44 -10.78
C LYS A 496 0.84 15.82 -10.76
N PRO A 497 2.00 15.98 -10.12
CA PRO A 497 2.62 17.32 -10.06
C PRO A 497 2.95 17.86 -11.45
N LEU A 498 3.62 17.08 -12.27
CA LEU A 498 4.06 17.50 -13.59
C LEU A 498 3.14 16.93 -14.66
N GLU A 499 2.85 17.74 -15.67
CA GLU A 499 2.03 17.28 -16.78
C GLU A 499 2.88 16.45 -17.75
N ASP A 500 2.20 15.67 -18.59
CA ASP A 500 2.89 14.85 -19.57
C ASP A 500 3.68 15.75 -20.53
N GLY A 501 4.95 15.41 -20.73
CA GLY A 501 5.77 16.17 -21.65
C GLY A 501 7.23 15.78 -21.53
N VAL A 502 8.08 16.61 -22.14
CA VAL A 502 9.52 16.38 -22.21
C VAL A 502 10.21 17.19 -21.13
N TYR A 503 11.08 16.52 -20.36
CA TYR A 503 11.72 17.14 -19.21
C TYR A 503 13.18 16.71 -19.15
N THR A 504 13.96 17.47 -18.38
CA THR A 504 15.31 17.08 -18.00
C THR A 504 15.32 16.58 -16.56
N ILE A 505 16.34 15.82 -16.22
CA ILE A 505 16.48 15.22 -14.89
C ILE A 505 17.93 15.36 -14.46
N ALA A 506 18.15 15.90 -13.26
CA ALA A 506 19.50 16.21 -12.79
C ALA A 506 19.47 16.32 -11.28
N GLN A 507 20.66 16.53 -10.69
CA GLN A 507 20.75 16.87 -9.28
C GLN A 507 20.62 18.37 -9.10
N PRO A 508 20.23 18.84 -7.91
CA PRO A 508 20.27 20.28 -7.63
C PRO A 508 21.66 20.84 -7.88
N ASP A 509 21.76 21.73 -8.87
CA ASP A 509 23.03 22.36 -9.24
C ASP A 509 24.10 21.31 -9.52
N GLY A 510 23.74 20.32 -10.34
CA GLY A 510 24.64 19.23 -10.66
C GLY A 510 24.43 18.63 -12.03
N LYS A 511 25.04 17.47 -12.26
CA LYS A 511 24.95 16.81 -13.54
C LYS A 511 23.55 16.28 -13.79
N ASP A 512 23.25 15.97 -15.06
CA ASP A 512 21.97 15.43 -15.44
C ASP A 512 21.99 13.90 -15.33
N LEU A 513 20.88 13.27 -15.68
CA LEU A 513 20.70 11.83 -15.58
C LEU A 513 20.54 11.25 -16.98
N GLN A 514 21.39 10.28 -17.32
CA GLN A 514 21.32 9.60 -18.60
C GLN A 514 21.22 8.10 -18.36
N LEU A 515 20.78 7.38 -19.38
CA LEU A 515 20.48 5.96 -19.24
C LEU A 515 20.60 5.29 -20.60
N SER A 516 21.58 4.40 -20.74
CA SER A 516 21.69 3.50 -21.88
C SER A 516 22.13 2.15 -21.33
N GLY A 517 21.21 1.19 -21.27
CA GLY A 517 21.46 -0.04 -20.57
C GLY A 517 21.47 0.20 -19.07
N ASN A 518 22.57 0.72 -18.55
CA ASN A 518 22.66 1.17 -17.18
C ASN A 518 22.48 2.68 -17.11
N ALA A 519 22.27 3.19 -15.91
CA ALA A 519 22.10 4.61 -15.66
C ALA A 519 23.34 5.19 -14.98
N SER A 520 23.55 6.49 -15.18
CA SER A 520 24.71 7.17 -14.63
C SER A 520 24.42 8.67 -14.64
N LEU A 521 25.29 9.42 -13.97
CA LEU A 521 25.18 10.88 -13.93
C LEU A 521 25.86 11.41 -15.19
N GLY A 522 25.03 11.73 -16.19
CA GLY A 522 25.54 12.12 -17.48
C GLY A 522 25.65 13.61 -17.67
N GLY A 523 24.61 14.22 -18.24
CA GLY A 523 24.67 15.62 -18.63
C GLY A 523 24.09 15.80 -20.02
N ASN A 524 23.16 16.73 -20.16
CA ASN A 524 22.52 16.96 -21.45
C ASN A 524 21.83 15.69 -21.95
N ASP A 525 20.63 15.41 -21.42
CA ASP A 525 19.83 14.28 -21.88
C ASP A 525 18.36 14.62 -21.66
N GLU A 526 17.52 14.15 -22.59
CA GLU A 526 16.10 14.43 -22.57
C GLU A 526 15.34 13.25 -21.99
N TRP A 527 14.22 13.55 -21.33
CA TRP A 527 13.33 12.54 -20.77
C TRP A 527 11.89 12.86 -21.18
N THR A 528 11.03 11.84 -21.10
CA THR A 528 9.61 12.01 -21.39
C THR A 528 8.81 11.44 -20.22
N LEU A 529 8.06 12.31 -19.56
CA LEU A 529 7.18 11.91 -18.46
C LEU A 529 5.82 11.53 -19.03
N THR A 530 5.30 10.38 -18.60
CA THR A 530 3.98 9.92 -19.00
C THR A 530 3.24 9.46 -17.76
N SER A 531 2.19 10.18 -17.38
CA SER A 531 1.42 9.83 -16.19
C SER A 531 0.61 8.57 -16.45
N THR A 532 0.25 7.89 -15.36
CA THR A 532 -0.54 6.66 -15.40
C THR A 532 -1.82 6.84 -14.59
N PRO A 533 -2.83 6.01 -14.86
CA PRO A 533 -4.11 6.19 -14.15
C PRO A 533 -4.01 5.97 -12.64
N ASP A 534 -3.12 5.10 -12.17
CA ASP A 534 -2.87 4.96 -10.74
C ASP A 534 -1.84 5.96 -10.22
N HIS A 535 -1.59 7.04 -10.98
CA HIS A 535 -0.93 8.24 -10.46
C HIS A 535 0.57 8.07 -10.33
N TYR A 536 1.18 7.34 -11.26
CA TYR A 536 2.62 7.17 -11.38
C TYR A 536 3.10 7.79 -12.69
N TYR A 537 4.41 7.67 -12.94
CA TYR A 537 5.02 8.20 -14.14
C TYR A 537 5.94 7.16 -14.77
N GLN A 538 5.92 7.10 -16.09
CA GLN A 538 6.94 6.38 -16.86
C GLN A 538 8.03 7.36 -17.26
N LEU A 539 9.27 7.00 -16.99
CA LEU A 539 10.43 7.87 -17.25
C LEU A 539 11.18 7.30 -18.45
N LYS A 540 10.99 7.92 -19.61
CA LYS A 540 11.56 7.45 -20.86
C LYS A 540 12.75 8.31 -21.24
N ASN A 541 13.94 7.71 -21.27
CA ASN A 541 15.12 8.39 -21.77
C ASN A 541 15.04 8.50 -23.28
N MET A 542 14.97 9.73 -23.80
CA MET A 542 14.76 9.95 -25.22
C MET A 542 16.03 9.76 -26.04
N THR A 543 17.17 9.50 -25.41
CA THR A 543 18.39 9.17 -26.14
C THR A 543 18.52 7.67 -26.34
N SER A 544 18.41 6.90 -25.26
CA SER A 544 18.40 5.44 -25.34
C SER A 544 17.07 4.89 -25.81
N ASN A 545 16.01 5.70 -25.83
CA ASN A 545 14.67 5.28 -26.21
C ASN A 545 14.12 4.21 -25.28
N GLU A 546 14.79 3.96 -24.17
CA GLU A 546 14.39 2.95 -23.18
C GLU A 546 13.95 3.63 -21.89
N CYS A 547 13.18 2.89 -21.09
CA CYS A 547 12.56 3.43 -19.89
C CYS A 547 13.33 3.03 -18.64
N LEU A 548 13.36 3.95 -17.68
CA LEU A 548 14.02 3.67 -16.40
C LEU A 548 13.22 2.65 -15.61
N SER A 549 13.89 1.61 -15.11
CA SER A 549 13.22 0.53 -14.42
C SER A 549 14.12 -0.04 -13.33
N VAL A 550 13.54 -0.90 -12.50
CA VAL A 550 14.26 -1.61 -11.46
C VAL A 550 13.81 -3.06 -11.47
N VAL A 551 14.61 -3.96 -12.05
CA VAL A 551 14.23 -5.35 -12.20
C VAL A 551 15.37 -6.29 -11.81
N SER A 552 16.56 -5.74 -11.64
CA SER A 552 17.75 -6.53 -11.36
C SER A 552 18.15 -6.38 -9.90
N GLY A 553 18.32 -7.51 -9.22
CA GLY A 553 18.75 -7.52 -7.84
C GLY A 553 18.05 -8.57 -6.99
N TYR A 554 18.38 -8.61 -5.70
CA TYR A 554 17.72 -9.55 -4.79
C TYR A 554 16.23 -9.21 -4.70
N LYS A 555 15.40 -10.24 -4.56
CA LYS A 555 13.96 -10.08 -4.66
C LYS A 555 13.23 -10.78 -3.52
N HIS A 556 12.04 -10.27 -3.22
CA HIS A 556 11.00 -10.97 -2.48
C HIS A 556 9.69 -10.78 -3.24
N LEU A 557 8.89 -11.84 -3.32
CA LEU A 557 7.60 -11.80 -4.02
C LEU A 557 7.74 -11.15 -5.40
N SER A 558 8.75 -11.56 -6.13
CA SER A 558 8.99 -11.11 -7.50
C SER A 558 9.27 -9.62 -7.59
N THR A 559 9.62 -8.99 -6.47
CA THR A 559 9.91 -7.56 -6.42
C THR A 559 11.33 -7.35 -5.94
N VAL A 560 12.06 -6.45 -6.59
CA VAL A 560 13.43 -6.15 -6.20
C VAL A 560 13.42 -5.41 -4.87
N THR A 561 14.03 -6.02 -3.85
CA THR A 561 14.11 -5.41 -2.53
C THR A 561 15.53 -5.09 -2.10
N GLN A 562 16.55 -5.49 -2.87
CA GLN A 562 17.93 -5.17 -2.53
C GLN A 562 18.11 -3.67 -2.39
N VAL A 563 18.71 -3.24 -1.29
CA VAL A 563 19.07 -1.83 -1.14
C VAL A 563 20.30 -1.57 -2.00
N GLY A 564 20.34 -0.40 -2.61
CA GLY A 564 21.39 -0.12 -3.56
C GLY A 564 21.25 -0.82 -4.88
N ALA A 565 20.15 -1.55 -5.11
CA ALA A 565 19.91 -2.16 -6.41
C ALA A 565 20.04 -1.10 -7.50
N ARG A 566 20.48 -1.54 -8.67
CA ARG A 566 20.83 -0.61 -9.74
C ARG A 566 19.68 -0.49 -10.72
N PRO A 567 18.98 0.64 -10.78
CA PRO A 567 18.03 0.86 -11.88
C PRO A 567 18.70 0.65 -13.22
N GLU A 568 17.91 0.25 -14.21
CA GLU A 568 18.44 -0.01 -15.54
C GLU A 568 17.41 0.35 -16.59
N ALA A 569 17.83 0.31 -17.84
CA ALA A 569 16.97 0.62 -18.97
C ALA A 569 16.21 -0.64 -19.41
N ARG A 570 14.94 -0.47 -19.74
CA ARG A 570 14.10 -1.57 -20.15
C ARG A 570 13.20 -1.13 -21.30
N PRO A 571 12.77 -2.06 -22.16
CA PRO A 571 11.83 -1.70 -23.21
C PRO A 571 10.59 -1.02 -22.64
N CYS A 572 10.24 0.13 -23.21
CA CYS A 572 9.07 0.86 -22.74
C CYS A 572 7.80 0.12 -23.15
N VAL A 573 6.88 -0.02 -22.20
CA VAL A 573 5.66 -0.81 -22.41
C VAL A 573 4.44 0.07 -22.18
N ASP A 574 3.25 -0.51 -22.33
CA ASP A 574 2.02 0.24 -22.13
C ASP A 574 1.77 0.47 -20.65
N VAL A 575 1.50 1.73 -20.29
CA VAL A 575 1.29 2.10 -18.89
C VAL A 575 -0.03 2.85 -18.76
N SER A 576 -0.93 2.67 -19.70
CA SER A 576 -2.18 3.42 -19.73
C SER A 576 -3.31 2.75 -18.97
N GLN A 577 -3.15 1.49 -18.57
CA GLN A 577 -4.20 0.72 -17.92
C GLN A 577 -3.87 0.47 -16.46
N THR A 578 -4.93 0.34 -15.66
CA THR A 578 -4.86 -0.04 -14.25
C THR A 578 -5.80 -1.22 -14.04
N PHE A 579 -5.52 -2.02 -13.01
CA PHE A 579 -6.21 -3.29 -12.83
C PHE A 579 -6.62 -3.51 -11.38
N THR A 580 -7.91 -3.75 -11.17
CA THR A 580 -8.47 -4.08 -9.87
C THR A 580 -9.54 -5.14 -10.07
N GLY A 581 -10.15 -5.57 -8.98
CA GLY A 581 -11.20 -6.56 -9.07
C GLY A 581 -10.67 -7.83 -9.67
N ASN A 582 -11.24 -8.23 -10.81
CA ASN A 582 -10.79 -9.45 -11.49
C ASN A 582 -9.45 -9.25 -12.21
N GLN A 583 -9.02 -8.02 -12.42
CA GLN A 583 -7.77 -7.74 -13.12
C GLN A 583 -7.80 -8.31 -14.53
N THR A 584 -8.98 -8.28 -15.15
CA THR A 584 -9.12 -8.74 -16.53
C THR A 584 -8.10 -8.05 -17.43
N GLY A 585 -7.33 -8.85 -18.15
CA GLY A 585 -6.38 -8.30 -19.09
C GLY A 585 -5.07 -7.86 -18.50
N ASN A 586 -4.82 -8.15 -17.22
CA ASN A 586 -3.58 -7.73 -16.58
C ASN A 586 -2.45 -8.66 -16.99
N VAL A 587 -1.76 -8.29 -18.07
CA VAL A 587 -0.54 -8.99 -18.49
C VAL A 587 0.55 -7.94 -18.66
N GLY A 588 1.80 -8.38 -18.54
CA GLY A 588 2.93 -7.49 -18.69
C GLY A 588 3.31 -6.72 -17.46
N TYR A 589 2.72 -7.06 -16.30
CA TYR A 589 2.99 -6.30 -15.09
C TYR A 589 4.44 -6.42 -14.66
N GLU A 590 5.12 -7.52 -15.02
CA GLU A 590 6.51 -7.68 -14.63
C GLU A 590 7.40 -6.57 -15.18
N GLU A 591 7.05 -6.05 -16.34
CA GLU A 591 7.78 -4.92 -16.93
C GLU A 591 7.09 -3.58 -16.66
N ARG A 592 5.75 -3.56 -16.60
CA ARG A 592 5.04 -2.30 -16.51
C ARG A 592 5.33 -1.59 -15.19
N ASN A 593 5.13 -2.28 -14.08
CA ASN A 593 5.07 -1.61 -12.77
C ASN A 593 6.46 -1.28 -12.25
N PRO A 594 7.47 -2.14 -12.47
CA PRO A 594 8.85 -1.71 -12.18
C PRO A 594 9.28 -0.52 -13.01
N GLN A 595 8.59 -0.23 -14.11
CA GLN A 595 8.88 0.94 -14.93
C GLN A 595 8.23 2.20 -14.40
N LYS A 596 7.36 2.09 -13.39
CA LYS A 596 6.56 3.21 -12.92
C LYS A 596 7.20 3.86 -11.70
N TRP A 597 7.05 5.18 -11.60
CA TRP A 597 7.72 5.95 -10.57
C TRP A 597 6.77 6.98 -10.00
N MET A 598 6.74 7.08 -8.67
CA MET A 598 6.02 8.14 -7.99
C MET A 598 6.91 9.37 -7.91
N LEU A 599 6.36 10.53 -8.26
CA LEU A 599 7.09 11.81 -8.22
C LEU A 599 6.44 12.70 -7.17
N LEU A 600 7.16 12.94 -6.08
CA LEU A 600 6.65 13.70 -4.95
C LEU A 600 7.25 15.10 -4.99
N ASP A 601 6.38 16.11 -5.05
CA ASP A 601 6.84 17.49 -5.12
C ASP A 601 7.64 17.86 -3.89
N ALA A 602 8.91 18.17 -4.09
CA ALA A 602 9.79 18.62 -3.01
C ALA A 602 9.96 20.13 -3.00
N GLY A 603 9.15 20.86 -3.77
CA GLY A 603 9.22 22.31 -3.80
C GLY A 603 10.35 22.84 -4.67
N ASP A 604 10.09 23.96 -5.34
CA ASP A 604 11.11 24.64 -6.15
C ASP A 604 11.61 23.76 -7.28
N GLY A 605 10.71 22.98 -7.87
CA GLY A 605 11.06 22.12 -8.98
C GLY A 605 11.75 20.83 -8.59
N LYS A 606 12.05 20.63 -7.32
CA LYS A 606 12.71 19.40 -6.88
C LYS A 606 11.67 18.31 -6.66
N PHE A 607 12.12 17.06 -6.73
CA PHE A 607 11.20 15.94 -6.69
C PHE A 607 11.86 14.72 -6.05
N LYS A 608 11.19 14.14 -5.07
CA LYS A 608 11.52 12.81 -4.60
C LYS A 608 11.03 11.81 -5.63
N VAL A 609 11.89 10.88 -6.03
CA VAL A 609 11.59 9.91 -7.08
C VAL A 609 11.62 8.54 -6.45
N VAL A 610 10.47 7.90 -6.35
CA VAL A 610 10.30 6.61 -5.67
C VAL A 610 9.71 5.60 -6.64
N ASN A 611 10.36 4.44 -6.75
CA ASN A 611 9.81 3.37 -7.58
C ASN A 611 8.45 2.94 -7.06
N ALA A 612 7.55 2.62 -7.98
CA ALA A 612 6.17 2.36 -7.62
C ALA A 612 5.97 1.07 -6.85
N VAL A 613 6.88 0.09 -6.99
CA VAL A 613 6.64 -1.22 -6.40
C VAL A 613 7.82 -1.67 -5.53
N THR A 614 9.03 -1.25 -5.87
CA THR A 614 10.14 -1.44 -4.93
C THR A 614 10.11 -0.39 -3.82
N LEU A 615 9.51 0.77 -4.08
CA LEU A 615 9.27 1.80 -3.07
C LEU A 615 10.57 2.29 -2.43
N GLN A 616 11.65 2.30 -3.21
CA GLN A 616 12.92 2.92 -2.83
C GLN A 616 13.17 4.12 -3.72
N ARG A 617 13.94 5.07 -3.20
CA ARG A 617 14.13 6.35 -3.88
C ARG A 617 15.29 6.28 -4.86
N LEU A 618 15.04 6.72 -6.09
CA LEU A 618 16.12 6.95 -7.05
C LEU A 618 17.15 7.87 -6.40
N ALA A 619 18.39 7.41 -6.31
CA ALA A 619 19.40 8.07 -5.50
C ALA A 619 20.74 8.05 -6.21
N VAL A 620 21.64 8.90 -5.69
CA VAL A 620 23.03 8.94 -6.14
C VAL A 620 23.87 8.47 -4.97
N ALA A 621 24.44 7.27 -5.09
CA ALA A 621 25.23 6.71 -4.00
C ALA A 621 26.39 7.64 -3.64
N LYS A 622 26.87 7.47 -2.41
CA LYS A 622 27.94 8.30 -1.88
C LYS A 622 29.21 7.53 -1.59
N GLY A 623 29.15 6.19 -1.57
CA GLY A 623 30.29 5.38 -1.18
C GLY A 623 30.44 5.20 0.31
N THR A 624 29.54 5.76 1.11
CA THR A 624 29.61 5.68 2.56
C THR A 624 28.38 4.99 3.16
N GLU A 625 27.47 4.48 2.33
CA GLU A 625 26.28 3.83 2.83
C GLU A 625 26.58 2.40 3.25
N GLU A 626 25.96 1.97 4.35
CA GLU A 626 26.20 0.65 4.92
C GLU A 626 24.88 -0.12 5.01
N HIS A 627 24.93 -1.40 4.62
CA HIS A 627 23.80 -2.30 4.78
C HIS A 627 24.28 -3.72 4.48
N ILE A 628 23.61 -4.70 5.07
CA ILE A 628 24.01 -6.09 4.91
C ILE A 628 24.03 -6.47 3.44
N ASP A 629 23.08 -5.95 2.66
CA ASP A 629 22.96 -6.34 1.26
C ASP A 629 24.21 -6.04 0.47
N PHE A 630 25.10 -5.20 0.99
CA PHE A 630 26.34 -4.89 0.30
C PHE A 630 27.39 -5.99 0.42
N THR A 631 27.12 -7.04 1.21
CA THR A 631 28.12 -8.09 1.43
C THR A 631 27.57 -9.49 1.23
N THR A 632 26.33 -9.75 1.63
CA THR A 632 25.78 -11.10 1.54
C THR A 632 24.27 -11.02 1.52
N PHE A 633 23.65 -12.15 1.16
CA PHE A 633 22.19 -12.27 1.20
C PHE A 633 21.83 -13.75 1.18
N ASN A 634 21.06 -14.19 2.17
CA ASN A 634 20.53 -15.55 2.23
C ASN A 634 21.63 -16.59 2.08
N GLY A 635 22.70 -16.41 2.86
CA GLY A 635 23.79 -17.36 2.90
C GLY A 635 24.83 -17.21 1.80
N VAL A 636 24.47 -16.62 0.67
CA VAL A 636 25.40 -16.44 -0.44
C VAL A 636 26.05 -15.07 -0.31
N ALA A 637 27.37 -15.06 -0.21
CA ALA A 637 28.13 -13.83 0.00
C ALA A 637 28.53 -13.22 -1.33
N LYS A 638 28.21 -11.94 -1.51
CA LYS A 638 28.57 -11.22 -2.72
C LYS A 638 28.53 -9.73 -2.41
N ASP A 639 29.51 -8.99 -2.94
CA ASP A 639 29.64 -7.57 -2.64
C ASP A 639 28.90 -6.77 -3.71
N THR A 640 27.97 -5.91 -3.26
CA THR A 640 27.21 -5.05 -4.16
C THR A 640 27.31 -3.58 -3.76
N LYS A 641 28.30 -3.23 -2.95
CA LYS A 641 28.41 -1.88 -2.44
C LYS A 641 28.46 -0.87 -3.59
N PRO A 642 27.55 0.09 -3.66
CA PRO A 642 27.65 1.12 -4.70
C PRO A 642 28.75 2.12 -4.37
N ALA A 643 29.49 2.53 -5.40
CA ALA A 643 30.55 3.50 -5.26
C ALA A 643 30.00 4.92 -5.39
N ALA A 644 30.78 5.89 -4.93
CA ALA A 644 30.39 7.28 -5.01
C ALA A 644 29.99 7.63 -6.44
N GLY A 645 28.87 8.36 -6.57
CA GLY A 645 28.37 8.76 -7.86
C GLY A 645 27.55 7.72 -8.59
N GLU A 646 27.44 6.50 -8.06
CA GLU A 646 26.67 5.46 -8.72
C GLU A 646 25.18 5.65 -8.47
N ILE A 647 24.38 5.36 -9.48
CA ILE A 647 22.93 5.47 -9.38
C ILE A 647 22.38 4.19 -8.79
N VAL A 648 21.52 4.32 -7.79
CA VAL A 648 20.94 3.18 -7.10
C VAL A 648 19.57 3.59 -6.55
N GLN A 649 18.85 2.61 -6.03
CA GLN A 649 17.65 2.85 -5.24
C GLN A 649 17.99 2.67 -3.77
N PHE A 650 17.40 3.50 -2.92
CA PHE A 650 17.67 3.46 -1.49
C PHE A 650 16.35 3.65 -0.73
N PRO A 651 16.15 2.91 0.37
CA PRO A 651 15.03 3.23 1.27
C PRO A 651 15.05 4.70 1.68
N ASP A 652 13.91 5.20 2.16
CA ASP A 652 13.79 6.62 2.46
C ASP A 652 14.80 7.07 3.52
N ASP A 653 15.17 6.18 4.45
CA ASP A 653 15.98 6.55 5.59
C ASP A 653 17.48 6.49 5.30
N MET A 654 17.88 6.26 4.06
CA MET A 654 19.30 6.21 3.70
C MET A 654 19.61 7.17 2.56
N THR A 655 18.74 8.15 2.30
CA THR A 655 18.96 9.08 1.20
C THR A 655 18.00 10.25 1.33
N ASP A 656 18.51 11.45 1.03
CA ASP A 656 17.69 12.64 0.86
C ASP A 656 17.69 13.16 -0.56
N ASP A 657 18.42 12.48 -1.47
CA ASP A 657 18.53 12.92 -2.85
C ASP A 657 17.17 13.11 -3.50
N VAL A 658 16.90 14.35 -3.88
CA VAL A 658 15.78 14.67 -4.75
C VAL A 658 16.33 14.93 -6.15
N TRP A 659 15.44 15.10 -7.11
CA TRP A 659 15.83 15.27 -8.51
C TRP A 659 15.13 16.47 -9.11
N THR A 660 15.90 17.32 -9.78
CA THR A 660 15.35 18.47 -10.49
C THR A 660 14.74 17.97 -11.80
N ILE A 661 13.43 18.11 -11.94
CA ILE A 661 12.72 17.79 -13.17
C ILE A 661 12.10 19.08 -13.69
N LYS A 662 12.47 19.44 -14.92
CA LYS A 662 12.07 20.71 -15.52
C LYS A 662 11.86 20.48 -17.01
N PRO A 663 10.92 21.20 -17.63
CA PRO A 663 10.75 21.07 -19.08
C PRO A 663 12.03 21.47 -19.81
N SER A 664 12.26 20.83 -20.95
CA SER A 664 13.54 20.92 -21.62
C SER A 664 13.80 22.34 -22.13
N THR A 665 15.08 22.71 -22.15
CA THR A 665 15.52 24.01 -22.64
C THR A 665 16.02 23.96 -24.07
N ARG A 666 16.14 22.78 -24.67
CA ARG A 666 16.81 22.62 -25.95
C ARG A 666 16.25 23.57 -26.99
N SER A 667 17.15 24.25 -27.71
CA SER A 667 16.73 25.14 -28.78
C SER A 667 16.03 24.39 -29.90
N ILE A 668 16.28 23.08 -30.04
CA ILE A 668 15.67 22.28 -31.08
C ILE A 668 14.83 21.17 -30.46
N SER A 669 13.79 20.77 -31.18
CA SER A 669 12.95 19.65 -30.79
C SER A 669 12.48 18.97 -32.06
N ALA A 670 12.57 17.65 -32.09
CA ALA A 670 12.24 16.87 -33.28
C ALA A 670 11.16 15.85 -32.93
N ILE A 671 10.24 15.63 -33.87
CA ILE A 671 9.16 14.67 -33.71
C ILE A 671 9.07 13.86 -35.00
N ALA A 672 8.97 12.55 -34.87
CA ALA A 672 8.87 11.63 -36.00
C ALA A 672 7.54 10.88 -35.89
N GLU A 673 6.79 10.88 -36.98
CA GLU A 673 5.50 10.19 -37.03
C GLU A 673 5.42 9.40 -38.33
N ALA A 674 4.90 8.17 -38.22
CA ALA A 674 4.81 7.25 -39.36
C ALA A 674 3.40 7.24 -39.91
N THR A 675 3.30 7.11 -41.24
CA THR A 675 2.01 7.03 -41.92
C THR A 675 2.17 6.17 -43.18
N PRO A 676 1.49 5.02 -43.30
CA PRO A 676 0.60 4.41 -42.30
C PRO A 676 1.33 3.91 -41.05
N LYS A 677 0.59 3.47 -40.02
CA LYS A 677 1.21 2.84 -38.86
C LYS A 677 1.70 1.43 -39.16
N GLN A 678 1.29 0.84 -40.29
CA GLN A 678 1.66 -0.51 -40.67
C GLN A 678 2.31 -0.47 -42.05
N ALA A 679 3.29 -1.36 -42.25
CA ALA A 679 4.01 -1.47 -43.50
C ALA A 679 4.13 -2.93 -43.90
N TYR A 680 4.16 -3.17 -45.20
CA TYR A 680 4.29 -4.52 -45.75
C TYR A 680 5.34 -4.53 -46.85
N ALA A 681 5.98 -5.68 -47.03
CA ALA A 681 7.02 -5.82 -48.03
C ALA A 681 6.44 -5.53 -49.42
N SER A 682 7.16 -4.74 -50.21
CA SER A 682 6.70 -4.36 -51.53
C SER A 682 7.91 -4.11 -52.43
N LYS A 683 7.83 -4.62 -53.66
CA LYS A 683 8.86 -4.39 -54.66
C LYS A 683 8.63 -3.10 -55.45
N ASP A 684 7.44 -2.51 -55.36
CA ASP A 684 7.16 -1.21 -55.95
C ASP A 684 7.06 -0.10 -54.90
N GLY A 685 7.16 -0.43 -53.62
CA GLY A 685 7.10 0.56 -52.57
C GLY A 685 5.72 0.92 -52.07
N SER A 686 4.68 0.27 -52.57
CA SER A 686 3.32 0.59 -52.13
C SER A 686 3.14 0.31 -50.65
N GLY A 687 3.85 -0.67 -50.11
CA GLY A 687 3.81 -0.99 -48.70
C GLY A 687 4.72 -0.17 -47.83
N ALA A 688 5.32 0.88 -48.39
CA ALA A 688 6.22 1.73 -47.62
C ALA A 688 5.43 2.53 -46.58
N SER A 689 6.17 3.13 -45.65
CA SER A 689 5.61 4.00 -44.63
C SER A 689 6.43 5.28 -44.62
N THR A 690 5.74 6.42 -44.67
CA THR A 690 6.40 7.73 -44.68
C THR A 690 6.59 8.18 -43.24
N ILE A 691 7.83 8.26 -42.79
CA ILE A 691 8.15 8.79 -41.47
C ILE A 691 8.49 10.26 -41.67
N ASP A 692 7.51 11.13 -41.44
CA ASP A 692 7.75 12.57 -41.45
C ASP A 692 8.38 12.95 -40.11
N VAL A 693 9.57 13.54 -40.15
CA VAL A 693 10.24 14.08 -38.98
C VAL A 693 10.21 15.60 -39.09
N THR A 694 9.81 16.25 -38.00
CA THR A 694 9.60 17.70 -37.99
C THR A 694 10.48 18.31 -36.90
N VAL A 695 11.34 19.25 -37.29
CA VAL A 695 12.24 19.93 -36.37
C VAL A 695 11.66 21.29 -36.05
N ALA A 696 11.83 21.73 -34.81
CA ALA A 696 11.24 22.98 -34.33
C ALA A 696 12.28 23.81 -33.61
N ASN A 697 12.36 25.09 -33.98
CA ASN A 697 13.21 26.05 -33.29
C ASN A 697 12.44 26.64 -32.12
N ASN A 698 12.92 26.38 -30.90
CA ASN A 698 12.21 26.78 -29.70
C ASN A 698 12.58 28.19 -29.26
N SER A 699 13.87 28.50 -29.18
CA SER A 699 14.31 29.77 -28.64
C SER A 699 14.63 30.75 -29.77
N LYS A 700 15.28 31.86 -29.42
CA LYS A 700 15.42 33.02 -30.30
C LYS A 700 16.84 33.11 -30.83
N GLU A 701 17.12 32.29 -31.84
CA GLU A 701 18.34 32.42 -32.63
C GLU A 701 18.25 31.50 -33.85
N LYS A 702 18.45 32.07 -35.05
CA LYS A 702 18.36 31.30 -36.27
C LYS A 702 19.33 30.13 -36.27
N VAL A 703 18.78 28.91 -36.24
CA VAL A 703 19.58 27.70 -36.35
C VAL A 703 19.74 27.37 -37.83
N SER A 704 20.93 26.90 -38.20
CA SER A 704 21.24 26.60 -39.59
C SER A 704 21.96 25.25 -39.68
N ASN A 705 21.98 24.70 -40.89
CA ASN A 705 22.63 23.43 -41.17
C ASN A 705 22.12 22.34 -40.22
N VAL A 706 20.82 22.11 -40.27
CA VAL A 706 20.17 21.08 -39.47
C VAL A 706 20.20 19.78 -40.27
N VAL A 707 20.93 18.78 -39.77
CA VAL A 707 21.13 17.53 -40.47
C VAL A 707 20.28 16.46 -39.79
N VAL A 708 19.53 15.72 -40.60
CA VAL A 708 18.65 14.65 -40.12
C VAL A 708 19.15 13.35 -40.76
N THR A 709 19.65 12.44 -39.92
CA THR A 709 20.25 11.19 -40.39
C THR A 709 19.33 10.03 -40.09
N PRO A 710 18.93 9.25 -41.08
CA PRO A 710 17.98 8.15 -40.82
C PRO A 710 18.69 6.96 -40.19
N PRO A 711 17.93 6.03 -39.62
CA PRO A 711 18.54 4.84 -39.03
C PRO A 711 18.92 3.84 -40.12
N VAL A 712 19.64 2.81 -39.70
CA VAL A 712 19.95 1.65 -40.52
C VAL A 712 19.49 0.43 -39.74
N LYS A 713 18.76 -0.46 -40.40
CA LYS A 713 18.09 -1.56 -39.72
C LYS A 713 18.10 -2.82 -40.57
N ARG A 714 18.30 -3.96 -39.92
CA ARG A 714 18.24 -5.24 -40.59
C ARG A 714 16.89 -5.44 -41.27
N GLY A 715 16.91 -6.07 -42.46
CA GLY A 715 15.68 -6.48 -43.11
C GLY A 715 14.75 -5.35 -43.46
N TRP A 716 15.26 -4.12 -43.54
CA TRP A 716 14.50 -2.95 -43.96
C TRP A 716 15.29 -2.21 -45.02
N HIS A 717 14.60 -1.74 -46.06
CA HIS A 717 15.18 -0.80 -47.02
C HIS A 717 14.82 0.60 -46.53
N ILE A 718 15.83 1.38 -46.16
CA ILE A 718 15.66 2.74 -45.67
C ILE A 718 16.54 3.66 -46.49
N ASP A 719 16.05 4.86 -46.79
CA ASP A 719 16.85 5.87 -47.45
C ASP A 719 18.18 6.03 -46.73
N LYS A 720 19.28 5.86 -47.46
CA LYS A 720 20.59 5.84 -46.82
C LYS A 720 21.10 7.25 -46.49
N GLU A 721 20.66 8.27 -47.24
CA GLU A 721 21.32 9.55 -47.16
C GLU A 721 20.62 10.48 -46.18
N PRO A 722 21.39 11.31 -45.48
CA PRO A 722 20.75 12.32 -44.61
C PRO A 722 20.17 13.45 -45.43
N LYS A 723 19.16 14.10 -44.86
CA LYS A 723 18.57 15.30 -45.42
C LYS A 723 18.95 16.49 -44.56
N THR A 724 19.04 17.67 -45.18
CA THR A 724 19.52 18.87 -44.51
C THR A 724 18.53 20.01 -44.71
N ILE A 725 18.34 20.79 -43.66
CA ILE A 725 17.54 22.01 -43.69
C ILE A 725 18.48 23.18 -43.54
N ALA A 726 18.50 24.07 -44.53
CA ALA A 726 19.48 25.14 -44.57
C ALA A 726 19.36 26.04 -43.34
N HIS A 727 18.15 26.52 -43.06
CA HIS A 727 17.94 27.39 -41.92
C HIS A 727 16.53 27.21 -41.38
N ILE A 728 16.38 27.42 -40.07
CA ILE A 728 15.09 27.45 -39.38
C ILE A 728 15.13 28.61 -38.39
N ALA A 729 14.09 29.43 -38.38
CA ALA A 729 14.04 30.64 -37.57
C ALA A 729 13.32 30.38 -36.25
N PRO A 730 13.49 31.28 -35.28
CA PRO A 730 12.83 31.09 -33.98
C PRO A 730 11.32 30.89 -34.14
N GLY A 731 10.77 29.98 -33.34
CA GLY A 731 9.34 29.73 -33.36
C GLY A 731 8.82 29.17 -34.66
N GLU A 732 9.70 28.62 -35.49
CA GLU A 732 9.34 28.03 -36.77
C GLU A 732 9.57 26.52 -36.72
N SER A 733 9.29 25.86 -37.85
CA SER A 733 9.43 24.42 -37.93
C SER A 733 9.71 24.02 -39.38
N ALA A 734 10.43 22.91 -39.54
CA ALA A 734 10.78 22.38 -40.85
C ALA A 734 10.53 20.88 -40.85
N LYS A 735 10.22 20.35 -42.04
CA LYS A 735 9.80 18.96 -42.19
C LYS A 735 10.61 18.28 -43.28
N VAL A 736 11.08 17.08 -42.99
CA VAL A 736 11.75 16.23 -43.97
C VAL A 736 11.20 14.82 -43.82
N SER A 737 11.15 14.09 -44.94
CA SER A 737 10.47 12.81 -45.01
C SER A 737 11.42 11.73 -45.47
N PHE A 738 11.38 10.59 -44.79
CA PHE A 738 12.11 9.39 -45.18
C PHE A 738 11.13 8.25 -45.38
N GLN A 739 11.43 7.38 -46.35
CA GLN A 739 10.57 6.25 -46.68
C GLN A 739 11.23 4.95 -46.23
N VAL A 740 10.43 4.07 -45.62
CA VAL A 740 10.89 2.80 -45.11
C VAL A 740 9.97 1.70 -45.62
N SER A 741 10.56 0.58 -46.03
CA SER A 741 9.79 -0.56 -46.53
C SER A 741 10.44 -1.83 -45.99
N PRO A 742 9.66 -2.74 -45.40
CA PRO A 742 10.26 -3.98 -44.88
C PRO A 742 10.61 -4.92 -46.01
N GLU A 743 11.66 -5.72 -45.77
CA GLU A 743 12.07 -6.74 -46.71
C GLU A 743 11.66 -8.08 -46.10
N TRP A 744 12.54 -8.75 -45.35
CA TRP A 744 12.15 -10.01 -44.71
C TRP A 744 11.72 -9.82 -43.26
N TYR A 745 11.88 -8.62 -42.70
CA TYR A 745 11.46 -8.38 -41.33
C TYR A 745 9.95 -8.33 -41.22
N ARG A 746 9.41 -8.88 -40.14
CA ARG A 746 7.98 -8.82 -39.83
C ARG A 746 7.83 -8.60 -38.33
N GLY A 747 6.78 -7.87 -37.96
CA GLY A 747 6.47 -7.61 -36.56
C GLY A 747 6.69 -6.16 -36.17
N ASP A 748 6.65 -5.93 -34.86
CA ASP A 748 6.79 -4.58 -34.32
C ASP A 748 8.20 -4.05 -34.58
N ALA A 749 8.28 -2.78 -35.00
CA ALA A 749 9.55 -2.15 -35.30
C ALA A 749 9.54 -0.71 -34.82
N GLN A 750 10.74 -0.14 -34.67
CA GLN A 750 10.90 1.23 -34.19
C GLN A 750 12.05 1.88 -34.93
N PHE A 751 11.89 3.15 -35.29
CA PHE A 751 12.82 3.87 -36.14
C PHE A 751 13.25 5.13 -35.41
N GLU A 752 14.56 5.30 -35.25
CA GLU A 752 15.14 6.40 -34.48
C GLU A 752 15.92 7.30 -35.41
N PHE A 753 15.59 8.60 -35.41
CA PHE A 753 16.21 9.58 -36.27
C PHE A 753 17.00 10.57 -35.43
N ILE A 754 18.21 10.89 -35.89
CA ILE A 754 19.14 11.76 -35.19
C ILE A 754 19.13 13.12 -35.88
N VAL A 755 18.85 14.17 -35.12
CA VAL A 755 18.82 15.54 -35.62
C VAL A 755 19.96 16.30 -34.96
N THR A 756 20.80 16.93 -35.77
CA THR A 756 21.98 17.64 -35.29
C THR A 756 21.97 19.07 -35.82
N ALA A 757 22.19 20.02 -34.92
CA ALA A 757 22.28 21.44 -35.27
C ALA A 757 23.42 22.02 -34.44
N GLY A 758 24.57 22.23 -35.08
CA GLY A 758 25.72 22.73 -34.34
C GLY A 758 26.12 21.77 -33.25
N ASP A 759 26.24 22.29 -32.02
CA ASP A 759 26.61 21.49 -30.87
C ASP A 759 25.44 20.71 -30.29
N GLU A 760 24.21 21.03 -30.69
CA GLU A 760 23.02 20.43 -30.10
C GLU A 760 22.58 19.23 -30.91
N VAL A 761 22.12 18.19 -30.22
CA VAL A 761 21.69 16.95 -30.84
C VAL A 761 20.46 16.43 -30.11
N THR A 762 19.47 15.97 -30.88
CA THR A 762 18.26 15.38 -30.33
C THR A 762 17.85 14.20 -31.23
N LYS A 763 16.90 13.41 -30.73
CA LYS A 763 16.40 12.26 -31.47
C LYS A 763 14.88 12.29 -31.49
N ALA A 764 14.32 11.64 -32.51
CA ALA A 764 12.89 11.47 -32.64
C ALA A 764 12.64 10.05 -33.15
N SER A 765 11.77 9.32 -32.45
CA SER A 765 11.49 7.93 -32.79
C SER A 765 10.08 7.79 -33.35
N ALA A 766 9.89 6.72 -34.12
CA ALA A 766 8.61 6.36 -34.69
C ALA A 766 8.50 4.85 -34.71
N LYS A 767 7.26 4.35 -34.79
CA LYS A 767 6.98 2.92 -34.79
C LYS A 767 6.24 2.55 -36.06
N VAL A 768 6.59 1.38 -36.61
CA VAL A 768 5.91 0.81 -37.76
C VAL A 768 5.80 -0.69 -37.55
N LYS A 769 4.58 -1.22 -37.69
CA LYS A 769 4.37 -2.66 -37.63
C LYS A 769 4.62 -3.24 -39.02
N ALA A 770 5.47 -4.25 -39.08
CA ALA A 770 5.81 -4.92 -40.35
C ALA A 770 4.91 -6.14 -40.49
N ILE A 771 4.02 -6.11 -41.49
CA ILE A 771 3.04 -7.17 -41.67
C ILE A 771 3.23 -7.87 -43.02
NI NI B . 2.10 -19.96 4.85
NI NI C . -7.20 7.96 -8.74
#